data_1JTL
# 
_entry.id   1JTL 
# 
_audit_conform.dict_name       mmcif_pdbx.dic 
_audit_conform.dict_version    5.389 
_audit_conform.dict_location   http://mmcif.pdb.org/dictionaries/ascii/mmcif_pdbx.dic 
# 
loop_
_database_2.database_id 
_database_2.database_code 
_database_2.pdbx_database_accession 
_database_2.pdbx_DOI 
PDB   1JTL         pdb_00001jtl 10.2210/pdb1jtl/pdb 
NDB   DD0042       ?            ?                   
RCSB  RCSB014168   ?            ?                   
WWPDB D_1000014168 ?            ?                   
# 
loop_
_pdbx_audit_revision_history.ordinal 
_pdbx_audit_revision_history.data_content_type 
_pdbx_audit_revision_history.major_revision 
_pdbx_audit_revision_history.minor_revision 
_pdbx_audit_revision_history.revision_date 
1 'Structure model' 1 0 2002-08-09 
2 'Structure model' 1 1 2008-04-27 
3 'Structure model' 1 2 2011-07-13 
4 'Structure model' 1 3 2017-10-04 
5 'Structure model' 1 4 2024-02-07 
6 'Structure model' 1 5 2024-04-03 
# 
_pdbx_audit_revision_details.ordinal             1 
_pdbx_audit_revision_details.revision_ordinal    1 
_pdbx_audit_revision_details.data_content_type   'Structure model' 
_pdbx_audit_revision_details.provider            repository 
_pdbx_audit_revision_details.type                'Initial release' 
_pdbx_audit_revision_details.description         ? 
_pdbx_audit_revision_details.details             ? 
# 
loop_
_pdbx_audit_revision_group.ordinal 
_pdbx_audit_revision_group.revision_ordinal 
_pdbx_audit_revision_group.data_content_type 
_pdbx_audit_revision_group.group 
1 2 'Structure model' 'Version format compliance' 
2 3 'Structure model' 'Version format compliance' 
3 4 'Structure model' 'Refinement description'    
4 5 'Structure model' 'Data collection'           
5 5 'Structure model' 'Database references'       
6 5 'Structure model' 'Derived calculations'      
7 6 'Structure model' 'Refinement description'    
# 
loop_
_pdbx_audit_revision_category.ordinal 
_pdbx_audit_revision_category.revision_ordinal 
_pdbx_audit_revision_category.data_content_type 
_pdbx_audit_revision_category.category 
1 4 'Structure model' software                      
2 5 'Structure model' chem_comp_atom                
3 5 'Structure model' chem_comp_bond                
4 5 'Structure model' database_2                    
5 5 'Structure model' diffrn_source                 
6 5 'Structure model' struct_site                   
7 6 'Structure model' pdbx_initial_refinement_model 
# 
loop_
_pdbx_audit_revision_item.ordinal 
_pdbx_audit_revision_item.revision_ordinal 
_pdbx_audit_revision_item.data_content_type 
_pdbx_audit_revision_item.item 
1 5 'Structure model' '_database_2.pdbx_DOI'                 
2 5 'Structure model' '_database_2.pdbx_database_accession'  
3 5 'Structure model' '_diffrn_source.pdbx_synchrotron_site' 
4 5 'Structure model' '_struct_site.pdbx_auth_asym_id'       
5 5 'Structure model' '_struct_site.pdbx_auth_comp_id'       
6 5 'Structure model' '_struct_site.pdbx_auth_seq_id'        
# 
_pdbx_database_status.status_code                     REL 
_pdbx_database_status.entry_id                        1JTL 
_pdbx_database_status.recvd_initial_deposition_date   2001-08-21 
_pdbx_database_status.deposit_site                    RCSB 
_pdbx_database_status.process_site                    RCSB 
_pdbx_database_status.status_code_sf                  REL 
_pdbx_database_status.SG_entry                        . 
_pdbx_database_status.pdb_format_compatible           Y 
_pdbx_database_status.status_code_mr                  ? 
_pdbx_database_status.status_code_cs                  ? 
_pdbx_database_status.methods_development_category    ? 
_pdbx_database_status.status_code_nmr_data            ? 
# 
loop_
_pdbx_database_related.db_name 
_pdbx_database_related.db_id 
_pdbx_database_related.details 
_pdbx_database_related.content_type 
NDB BD0006 'B-DNA at Atomic resolution Reveals Extended Hydration patterns.'                    unspecified 
NDB DD0002 'Crystal Structure of d(GGCCAATTGG) Complexed with DAPI Reveals novel binding mode.' unspecified 
NDB UDJ049 'Parallel and Antiparallel (G.GC)2 Triple Helix Fragments in a Crystal Structure.'   unspecified 
# 
loop_
_audit_author.name 
_audit_author.pdbx_ordinal 
'Uytterhoeven, K.' 1 
'Van Meervelt, L.' 2 
# 
_citation.id                        primary 
_citation.title                     'Two 1 : 1 binding modes for distamycin in the minor groove of d(GGCCAATTGG).' 
_citation.journal_abbrev            Eur.J.Biochem. 
_citation.journal_volume            269 
_citation.page_first                2868 
_citation.page_last                 2877 
_citation.year                      2002 
_citation.journal_id_ASTM           EJBCAI 
_citation.country                   IX 
_citation.journal_id_ISSN           0014-2956 
_citation.journal_id_CSD            0262 
_citation.book_publisher            ? 
_citation.pdbx_database_id_PubMed   12071949 
_citation.pdbx_database_id_DOI      10.1046/j.1432-1033.2002.02952.x 
# 
loop_
_citation_author.citation_id 
_citation_author.name 
_citation_author.ordinal 
_citation_author.identifier_ORCID 
primary 'Uytterhoeven, K.' 1 ? 
primary 'Sponer, J.'       2 ? 
primary 'Van Meervelt, L.' 3 ? 
# 
loop_
_entity.id 
_entity.type 
_entity.src_method 
_entity.pdbx_description 
_entity.formula_weight 
_entity.pdbx_number_of_molecules 
_entity.pdbx_ec 
_entity.pdbx_mutation 
_entity.pdbx_fragment 
_entity.details 
1 polymer     syn "5'-D(*GP*GP*CP*CP*AP*AP*TP*TP*GP*G)-3'" 3085.029 2  ? ? ? ? 
2 non-polymer syn 'DISTAMYCIN A'                           481.508  1  ? ? ? ? 
3 water       nat water                                    18.015   74 ? ? ? ? 
# 
_entity_poly.entity_id                      1 
_entity_poly.type                           polydeoxyribonucleotide 
_entity_poly.nstd_linkage                   no 
_entity_poly.nstd_monomer                   no 
_entity_poly.pdbx_seq_one_letter_code       '(DG)(DG)(DC)(DC)(DA)(DA)(DT)(DT)(DG)(DG)' 
_entity_poly.pdbx_seq_one_letter_code_can   GGCCAATTGG 
_entity_poly.pdbx_strand_id                 A,B 
_entity_poly.pdbx_target_identifier         ? 
# 
loop_
_pdbx_entity_nonpoly.entity_id 
_pdbx_entity_nonpoly.name 
_pdbx_entity_nonpoly.comp_id 
2 'DISTAMYCIN A' DMY 
3 water          HOH 
# 
loop_
_entity_poly_seq.entity_id 
_entity_poly_seq.num 
_entity_poly_seq.mon_id 
_entity_poly_seq.hetero 
1 1  DG n 
1 2  DG n 
1 3  DC n 
1 4  DC n 
1 5  DA n 
1 6  DA n 
1 7  DT n 
1 8  DT n 
1 9  DG n 
1 10 DG n 
# 
_pdbx_entity_src_syn.entity_id              1 
_pdbx_entity_src_syn.pdbx_src_id            1 
_pdbx_entity_src_syn.pdbx_alt_source_flag   sample 
_pdbx_entity_src_syn.pdbx_beg_seq_num       ? 
_pdbx_entity_src_syn.pdbx_end_seq_num       ? 
_pdbx_entity_src_syn.organism_scientific    ? 
_pdbx_entity_src_syn.organism_common_name   ? 
_pdbx_entity_src_syn.ncbi_taxonomy_id       ? 
_pdbx_entity_src_syn.details                'This sequence is synthesized by Oswell DNA Service (Southampton, UK)' 
# 
loop_
_chem_comp.id 
_chem_comp.type 
_chem_comp.mon_nstd_flag 
_chem_comp.name 
_chem_comp.pdbx_synonyms 
_chem_comp.formula 
_chem_comp.formula_weight 
DA  'DNA linking' y "2'-DEOXYADENOSINE-5'-MONOPHOSPHATE" ?                         'C10 H14 N5 O6 P' 331.222 
DC  'DNA linking' y "2'-DEOXYCYTIDINE-5'-MONOPHOSPHATE"  ?                         'C9 H14 N3 O7 P'  307.197 
DG  'DNA linking' y "2'-DEOXYGUANOSINE-5'-MONOPHOSPHATE" ?                         'C10 H14 N5 O7 P' 347.221 
DMY non-polymer   . 'DISTAMYCIN A'                       'DISTAMYCIN; STALLIMYCIN' 'C22 H27 N9 O4'   481.508 
DT  'DNA linking' y "THYMIDINE-5'-MONOPHOSPHATE"         ?                         'C10 H15 N2 O8 P' 322.208 
HOH non-polymer   . WATER                                ?                         'H2 O'            18.015  
# 
loop_
_pdbx_poly_seq_scheme.asym_id 
_pdbx_poly_seq_scheme.entity_id 
_pdbx_poly_seq_scheme.seq_id 
_pdbx_poly_seq_scheme.mon_id 
_pdbx_poly_seq_scheme.ndb_seq_num 
_pdbx_poly_seq_scheme.pdb_seq_num 
_pdbx_poly_seq_scheme.auth_seq_num 
_pdbx_poly_seq_scheme.pdb_mon_id 
_pdbx_poly_seq_scheme.auth_mon_id 
_pdbx_poly_seq_scheme.pdb_strand_id 
_pdbx_poly_seq_scheme.pdb_ins_code 
_pdbx_poly_seq_scheme.hetero 
A 1 1  DG 1  1  1  DG G A . n 
A 1 2  DG 2  2  2  DG G A . n 
A 1 3  DC 3  3  3  DC C A . n 
A 1 4  DC 4  4  4  DC C A . n 
A 1 5  DA 5  5  5  DA A A . n 
A 1 6  DA 6  6  6  DA A A . n 
A 1 7  DT 7  7  7  DT T A . n 
A 1 8  DT 8  8  8  DT T A . n 
A 1 9  DG 9  9  9  DG G A . n 
A 1 10 DG 10 10 10 DG G A . n 
B 1 1  DG 1  21 21 DG G B . n 
B 1 2  DG 2  22 22 DG G B . n 
B 1 3  DC 3  23 23 DC C B . n 
B 1 4  DC 4  24 24 DC C B . n 
B 1 5  DA 5  25 25 DA A B . n 
B 1 6  DA 6  26 26 DA A B . n 
B 1 7  DT 7  27 27 DT T B . n 
B 1 8  DT 8  28 28 DT T B . n 
B 1 9  DG 9  29 29 DG G B . n 
B 1 10 DG 10 30 30 DG G B . n 
# 
loop_
_pdbx_nonpoly_scheme.asym_id 
_pdbx_nonpoly_scheme.entity_id 
_pdbx_nonpoly_scheme.mon_id 
_pdbx_nonpoly_scheme.ndb_seq_num 
_pdbx_nonpoly_scheme.pdb_seq_num 
_pdbx_nonpoly_scheme.auth_seq_num 
_pdbx_nonpoly_scheme.pdb_mon_id 
_pdbx_nonpoly_scheme.auth_mon_id 
_pdbx_nonpoly_scheme.pdb_strand_id 
_pdbx_nonpoly_scheme.pdb_ins_code 
C 2 DMY 1  31  31  DMY DMY B . 
D 3 HOH 1  101 101 HOH HOH A . 
D 3 HOH 2  103 103 HOH HOH A . 
D 3 HOH 3  104 104 HOH HOH A . 
D 3 HOH 4  105 105 HOH HOH A . 
D 3 HOH 5  112 112 HOH HOH A . 
D 3 HOH 6  113 113 HOH HOH A . 
D 3 HOH 7  114 114 HOH HOH A . 
D 3 HOH 8  117 117 HOH HOH A . 
D 3 HOH 9  118 118 HOH HOH A . 
D 3 HOH 10 120 120 HOH HOH A . 
D 3 HOH 11 121 121 HOH HOH A . 
D 3 HOH 12 122 122 HOH HOH A . 
D 3 HOH 13 123 123 HOH HOH A . 
D 3 HOH 14 125 125 HOH HOH A . 
D 3 HOH 15 126 126 HOH HOH A . 
D 3 HOH 16 127 127 HOH HOH A . 
D 3 HOH 17 128 128 HOH HOH A . 
D 3 HOH 18 129 129 HOH HOH A . 
D 3 HOH 19 131 131 HOH HOH A . 
D 3 HOH 20 132 132 HOH HOH A . 
D 3 HOH 21 133 133 HOH HOH A . 
D 3 HOH 22 135 135 HOH HOH A . 
D 3 HOH 23 136 136 HOH HOH A . 
D 3 HOH 24 138 138 HOH HOH A . 
D 3 HOH 25 139 139 HOH HOH A . 
D 3 HOH 26 142 142 HOH HOH A . 
D 3 HOH 27 160 160 HOH HOH A . 
D 3 HOH 28 164 164 HOH HOH A . 
D 3 HOH 29 165 165 HOH HOH A . 
D 3 HOH 30 167 167 HOH HOH A . 
D 3 HOH 31 173 173 HOH HOH A . 
D 3 HOH 32 174 174 HOH HOH A . 
E 3 HOH 1  102 102 HOH HOH B . 
E 3 HOH 2  106 106 HOH HOH B . 
E 3 HOH 3  107 107 HOH HOH B . 
E 3 HOH 4  108 108 HOH HOH B . 
E 3 HOH 5  109 109 HOH HOH B . 
E 3 HOH 6  110 110 HOH HOH B . 
E 3 HOH 7  111 111 HOH HOH B . 
E 3 HOH 8  115 115 HOH HOH B . 
E 3 HOH 9  116 116 HOH HOH B . 
E 3 HOH 10 119 119 HOH HOH B . 
E 3 HOH 11 124 124 HOH HOH B . 
E 3 HOH 12 130 130 HOH HOH B . 
E 3 HOH 13 134 134 HOH HOH B . 
E 3 HOH 14 137 137 HOH HOH B . 
E 3 HOH 15 140 140 HOH HOH B . 
E 3 HOH 16 141 141 HOH HOH B . 
E 3 HOH 17 143 143 HOH HOH B . 
E 3 HOH 18 144 144 HOH HOH B . 
E 3 HOH 19 145 145 HOH HOH B . 
E 3 HOH 20 146 146 HOH HOH B . 
E 3 HOH 21 147 147 HOH HOH B . 
E 3 HOH 22 148 148 HOH HOH B . 
E 3 HOH 23 149 149 HOH HOH B . 
E 3 HOH 24 150 150 HOH HOH B . 
E 3 HOH 25 151 151 HOH HOH B . 
E 3 HOH 26 152 152 HOH HOH B . 
E 3 HOH 27 153 153 HOH HOH B . 
E 3 HOH 28 154 154 HOH HOH B . 
E 3 HOH 29 155 155 HOH HOH B . 
E 3 HOH 30 156 156 HOH HOH B . 
E 3 HOH 31 157 157 HOH HOH B . 
E 3 HOH 32 158 158 HOH HOH B . 
E 3 HOH 33 159 159 HOH HOH B . 
E 3 HOH 34 161 161 HOH HOH B . 
E 3 HOH 35 162 162 HOH HOH B . 
E 3 HOH 36 163 163 HOH HOH B . 
E 3 HOH 37 166 166 HOH HOH B . 
E 3 HOH 38 168 168 HOH HOH B . 
E 3 HOH 39 169 169 HOH HOH B . 
E 3 HOH 40 170 170 HOH HOH B . 
E 3 HOH 41 171 171 HOH HOH B . 
E 3 HOH 42 172 172 HOH HOH B . 
# 
loop_
_software.name 
_software.classification 
_software.version 
_software.citation_id 
_software.pdbx_ordinal 
SHELXL    refinement       . ? 1 
DENZO     'data reduction' . ? 2 
SCALEPACK 'data scaling'   . ? 3 
# 
_cell.entry_id           1JTL 
_cell.length_a           25.289 
_cell.length_b           36.439 
_cell.length_c           53.047 
_cell.angle_alpha        90.00 
_cell.angle_beta         90.00 
_cell.angle_gamma        90.00 
_cell.Z_PDB              8 
_cell.pdbx_unique_axis   ? 
# 
_symmetry.entry_id                         1JTL 
_symmetry.space_group_name_H-M             'P 21 21 21' 
_symmetry.pdbx_full_space_group_name_H-M   ? 
_symmetry.cell_setting                     ? 
_symmetry.Int_Tables_number                19 
# 
_exptl.entry_id          1JTL 
_exptl.method            'X-RAY DIFFRACTION' 
_exptl.crystals_number   1 
# 
_exptl_crystal.id                    1 
_exptl_crystal.density_meas          ? 
_exptl_crystal.density_Matthews      1.90 
_exptl_crystal.density_percent_sol   35.32 
_exptl_crystal.description           ? 
# 
_exptl_crystal_grow.crystal_id      1 
_exptl_crystal_grow.method          'VAPOR DIFFUSION, SITTING DROP' 
_exptl_crystal_grow.temp            293 
_exptl_crystal_grow.temp_details    ? 
_exptl_crystal_grow.pH              6.0 
_exptl_crystal_grow.pdbx_details    
'MPD, magnesium chloride, cacodylate, spermine, pH 6.0, VAPOR DIFFUSION, SITTING DROP, temperature 293K' 
_exptl_crystal_grow.pdbx_pH_range   . 
# 
loop_
_exptl_crystal_grow_comp.crystal_id 
_exptl_crystal_grow_comp.id 
_exptl_crystal_grow_comp.sol_id 
_exptl_crystal_grow_comp.name 
_exptl_crystal_grow_comp.volume 
_exptl_crystal_grow_comp.conc 
_exptl_crystal_grow_comp.details 
1 1 1 MPD        ? ? ? 
1 2 1 MgCl2      ? ? ? 
1 3 1 cacodylate ? ? ? 
1 4 1 spermine   ? ? ? 
# 
_diffrn.id                     1 
_diffrn.ambient_temp           100 
_diffrn.ambient_temp_details   ? 
_diffrn.crystal_id             1 
# 
_diffrn_detector.diffrn_id              1 
_diffrn_detector.detector               'IMAGE PLATE' 
_diffrn_detector.type                   MARRESEARCH 
_diffrn_detector.pdbx_collection_date   2000-04-18 
_diffrn_detector.details                ? 
# 
_diffrn_radiation.diffrn_id                        1 
_diffrn_radiation.wavelength_id                    1 
_diffrn_radiation.pdbx_monochromatic_or_laue_m_l   M 
_diffrn_radiation.monochromator                    'Si 111' 
_diffrn_radiation.pdbx_diffrn_protocol             'SINGLE WAVELENGTH' 
_diffrn_radiation.pdbx_scattering_type             x-ray 
# 
_diffrn_radiation_wavelength.id           1 
_diffrn_radiation_wavelength.wavelength   0.84230 
_diffrn_radiation_wavelength.wt           1.0 
# 
_diffrn_source.diffrn_id                   1 
_diffrn_source.source                      SYNCHROTRON 
_diffrn_source.type                        'EMBL/DESY, HAMBURG BEAMLINE BW7B' 
_diffrn_source.pdbx_synchrotron_site       'EMBL/DESY, HAMBURG' 
_diffrn_source.pdbx_synchrotron_beamline   BW7B 
_diffrn_source.pdbx_wavelength             ? 
_diffrn_source.pdbx_wavelength_list        0.84230 
# 
_reflns.entry_id                     1JTL 
_reflns.observed_criterion_sigma_I   5.0 
_reflns.observed_criterion_sigma_F   2.5 
_reflns.d_resolution_low             100.0 
_reflns.d_resolution_high            1.85 
_reflns.number_obs                   4223 
_reflns.number_all                   4543 
_reflns.percent_possible_obs         93.0 
_reflns.pdbx_Rmerge_I_obs            0.0490000 
_reflns.pdbx_Rsym_value              ? 
_reflns.pdbx_netI_over_sigmaI        21.08 
_reflns.B_iso_Wilson_estimate        33.99 
_reflns.pdbx_redundancy              4.3 
_reflns.R_free_details               ? 
_reflns.pdbx_diffrn_id               1 
_reflns.pdbx_ordinal                 1 
# 
_reflns_shell.d_res_high             1.85 
_reflns_shell.d_res_low              1.92 
_reflns_shell.percent_possible_all   96.9 
_reflns_shell.Rmerge_I_obs           ? 
_reflns_shell.pdbx_Rsym_value        0.1950000 
_reflns_shell.meanI_over_sigI_obs    5.1 
_reflns_shell.pdbx_redundancy        3.9 
_reflns_shell.percent_possible_obs   ? 
_reflns_shell.number_unique_all      431 
_reflns_shell.pdbx_diffrn_id         ? 
_reflns_shell.pdbx_ordinal           1 
# 
_refine.entry_id                                 1JTL 
_refine.ls_number_reflns_obs                     3493 
_refine.ls_number_reflns_all                     4192 
_refine.pdbx_ls_sigma_I                          ? 
_refine.pdbx_ls_sigma_F                          4.0 
_refine.pdbx_data_cutoff_high_absF               ? 
_refine.pdbx_data_cutoff_low_absF                ? 
_refine.ls_d_res_low                             100.0 
_refine.ls_d_res_high                            1.85 
_refine.ls_percent_reflns_obs                    83.3 
_refine.ls_R_factor_obs                          0.1974000 
_refine.ls_R_factor_all                          0.2127000 
_refine.ls_R_factor_R_work                       ? 
_refine.ls_R_factor_R_free                       ? 
_refine.ls_R_factor_R_free_error                 ? 
_refine.ls_R_factor_R_free_error_details         ? 
_refine.ls_percent_reflns_R_free                 ? 
_refine.ls_number_reflns_R_free                  ? 
_refine.ls_number_parameters                     ? 
_refine.ls_number_restraints                     ? 
_refine.occupancy_min                            ? 
_refine.occupancy_max                            ? 
_refine.B_iso_mean                               33.99 
_refine.aniso_B[1][1]                            ? 
_refine.aniso_B[2][2]                            ? 
_refine.aniso_B[3][3]                            ? 
_refine.aniso_B[1][2]                            ? 
_refine.aniso_B[1][3]                            ? 
_refine.aniso_B[2][3]                            ? 
_refine.solvent_model_details                    ? 
_refine.solvent_model_param_ksol                 ? 
_refine.solvent_model_param_bsol                 ? 
_refine.pdbx_ls_cross_valid_method               ? 
_refine.details                                  ? 
_refine.pdbx_starting_model                      'DD0002 used as starting model for refinement' 
_refine.pdbx_method_to_determine_struct          'MOLECULAR REPLACEMENT' 
_refine.pdbx_isotropic_thermal_model             Isotropic 
_refine.pdbx_stereochemistry_target_values       'user defined' 
_refine.pdbx_stereochem_target_val_spec_case     ? 
_refine.pdbx_R_Free_selection_details            ? 
_refine.pdbx_overall_ESU_R_Free                  ? 
_refine.overall_SU_B                             ? 
_refine.ls_redundancy_reflns_obs                 ? 
_refine.correlation_coeff_Fo_to_Fc               ? 
_refine.overall_SU_R_Cruickshank_DPI             ? 
_refine.overall_SU_R_free                        ? 
_refine.overall_SU_ML                            ? 
_refine.pdbx_overall_ESU_R                       ? 
_refine.pdbx_data_cutoff_high_rms_absF           ? 
_refine.correlation_coeff_Fo_to_Fc_free          ? 
_refine.pdbx_solvent_vdw_probe_radii             ? 
_refine.pdbx_solvent_ion_probe_radii             ? 
_refine.pdbx_solvent_shrinkage_radii             ? 
_refine.pdbx_refine_id                           'X-RAY DIFFRACTION' 
_refine.pdbx_diffrn_id                           1 
_refine.pdbx_TLS_residual_ADP_flag               ? 
_refine.pdbx_overall_phase_error                 ? 
_refine.pdbx_overall_SU_R_free_Cruickshank_DPI   ? 
_refine.pdbx_overall_SU_R_Blow_DPI               ? 
_refine.pdbx_overall_SU_R_free_Blow_DPI          ? 
# 
_refine_hist.pdbx_refine_id                   'X-RAY DIFFRACTION' 
_refine_hist.cycle_id                         LAST 
_refine_hist.pdbx_number_atoms_protein        0 
_refine_hist.pdbx_number_atoms_nucleic_acid   410 
_refine_hist.pdbx_number_atoms_ligand         35 
_refine_hist.number_atoms_solvent             74 
_refine_hist.number_atoms_total               519 
_refine_hist.d_res_high                       1.85 
_refine_hist.d_res_low                        100.0 
# 
loop_
_refine_ls_restr.type 
_refine_ls_restr.dev_ideal 
_refine_ls_restr.dev_ideal_target 
_refine_ls_restr.weight 
_refine_ls_restr.number 
_refine_ls_restr.pdbx_refine_id 
_refine_ls_restr.pdbx_restraint_function 
s_bond_d  0.02 ? ? ? 'X-RAY DIFFRACTION' ? 
s_angle_d 0.05 ? ? ? 'X-RAY DIFFRACTION' ? 
# 
_struct.entry_id                  1JTL 
_struct.title                     'The crystal structure of d(GGCCAATTGG) Complexed with Distamycin' 
_struct.pdbx_model_details        ? 
_struct.pdbx_CASP_flag            ? 
_struct.pdbx_model_type_details   ? 
# 
_struct_keywords.entry_id        1JTL 
_struct_keywords.pdbx_keywords   DNA 
_struct_keywords.text            'B-DNA double helix, base triplets, minor groove binding, drug, distamycin, DNA' 
# 
loop_
_struct_asym.id 
_struct_asym.pdbx_blank_PDB_chainid_flag 
_struct_asym.pdbx_modified 
_struct_asym.entity_id 
_struct_asym.details 
A N N 1 ? 
B N N 1 ? 
C N N 2 ? 
D N N 3 ? 
E N N 3 ? 
# 
_struct_ref.id                         1 
_struct_ref.entity_id                  1 
_struct_ref.db_name                    PDB 
_struct_ref.db_code                    1JTL 
_struct_ref.pdbx_db_accession          1JTL 
_struct_ref.pdbx_db_isoform            ? 
_struct_ref.pdbx_seq_one_letter_code   ? 
_struct_ref.pdbx_align_begin           ? 
# 
loop_
_struct_ref_seq.align_id 
_struct_ref_seq.ref_id 
_struct_ref_seq.pdbx_PDB_id_code 
_struct_ref_seq.pdbx_strand_id 
_struct_ref_seq.seq_align_beg 
_struct_ref_seq.pdbx_seq_align_beg_ins_code 
_struct_ref_seq.seq_align_end 
_struct_ref_seq.pdbx_seq_align_end_ins_code 
_struct_ref_seq.pdbx_db_accession 
_struct_ref_seq.db_align_beg 
_struct_ref_seq.pdbx_db_align_beg_ins_code 
_struct_ref_seq.db_align_end 
_struct_ref_seq.pdbx_db_align_end_ins_code 
_struct_ref_seq.pdbx_auth_seq_align_beg 
_struct_ref_seq.pdbx_auth_seq_align_end 
1 1 1JTL A 1 ? 10 ? 1JTL 1  ? 10 ? 1  10 
2 1 1JTL B 1 ? 10 ? 1JTL 21 ? 30 ? 21 30 
# 
_pdbx_struct_assembly.id                   1 
_pdbx_struct_assembly.details              author_defined_assembly 
_pdbx_struct_assembly.method_details       ? 
_pdbx_struct_assembly.oligomeric_details   dimeric 
_pdbx_struct_assembly.oligomeric_count     2 
# 
_pdbx_struct_assembly_gen.assembly_id       1 
_pdbx_struct_assembly_gen.oper_expression   1 
_pdbx_struct_assembly_gen.asym_id_list      A,B,C,D,E 
# 
_pdbx_struct_oper_list.id                   1 
_pdbx_struct_oper_list.type                 'identity operation' 
_pdbx_struct_oper_list.name                 1_555 
_pdbx_struct_oper_list.symmetry_operation   x,y,z 
_pdbx_struct_oper_list.matrix[1][1]         1.0000000000 
_pdbx_struct_oper_list.matrix[1][2]         0.0000000000 
_pdbx_struct_oper_list.matrix[1][3]         0.0000000000 
_pdbx_struct_oper_list.vector[1]            0.0000000000 
_pdbx_struct_oper_list.matrix[2][1]         0.0000000000 
_pdbx_struct_oper_list.matrix[2][2]         1.0000000000 
_pdbx_struct_oper_list.matrix[2][3]         0.0000000000 
_pdbx_struct_oper_list.vector[2]            0.0000000000 
_pdbx_struct_oper_list.matrix[3][1]         0.0000000000 
_pdbx_struct_oper_list.matrix[3][2]         0.0000000000 
_pdbx_struct_oper_list.matrix[3][3]         1.0000000000 
_pdbx_struct_oper_list.vector[3]            0.0000000000 
# 
loop_
_struct_conn.id 
_struct_conn.conn_type_id 
_struct_conn.pdbx_leaving_atom_flag 
_struct_conn.pdbx_PDB_id 
_struct_conn.ptnr1_label_asym_id 
_struct_conn.ptnr1_label_comp_id 
_struct_conn.ptnr1_label_seq_id 
_struct_conn.ptnr1_label_atom_id 
_struct_conn.pdbx_ptnr1_label_alt_id 
_struct_conn.pdbx_ptnr1_PDB_ins_code 
_struct_conn.pdbx_ptnr1_standard_comp_id 
_struct_conn.ptnr1_symmetry 
_struct_conn.ptnr2_label_asym_id 
_struct_conn.ptnr2_label_comp_id 
_struct_conn.ptnr2_label_seq_id 
_struct_conn.ptnr2_label_atom_id 
_struct_conn.pdbx_ptnr2_label_alt_id 
_struct_conn.pdbx_ptnr2_PDB_ins_code 
_struct_conn.ptnr1_auth_asym_id 
_struct_conn.ptnr1_auth_comp_id 
_struct_conn.ptnr1_auth_seq_id 
_struct_conn.ptnr2_auth_asym_id 
_struct_conn.ptnr2_auth_comp_id 
_struct_conn.ptnr2_auth_seq_id 
_struct_conn.ptnr2_symmetry 
_struct_conn.pdbx_ptnr3_label_atom_id 
_struct_conn.pdbx_ptnr3_label_seq_id 
_struct_conn.pdbx_ptnr3_label_comp_id 
_struct_conn.pdbx_ptnr3_label_asym_id 
_struct_conn.pdbx_ptnr3_label_alt_id 
_struct_conn.pdbx_ptnr3_PDB_ins_code 
_struct_conn.details 
_struct_conn.pdbx_dist_value 
_struct_conn.pdbx_value_order 
_struct_conn.pdbx_role 
hydrog1  hydrog ? ? A DC 3  N3 ? ? ? 1_555 B DG 10 N1 ? ? A DC 3  B DG 30 1_555 ? ? ? ? ? ? WATSON-CRICK ? ? ? 
hydrog2  hydrog ? ? A DC 3  N4 ? ? ? 1_555 B DG 10 O6 ? ? A DC 3  B DG 30 1_555 ? ? ? ? ? ? WATSON-CRICK ? ? ? 
hydrog3  hydrog ? ? A DC 3  O2 ? ? ? 1_555 B DG 10 N2 ? ? A DC 3  B DG 30 1_555 ? ? ? ? ? ? WATSON-CRICK ? ? ? 
hydrog4  hydrog ? ? A DC 4  N3 ? ? ? 1_555 B DG 9  N1 ? ? A DC 4  B DG 29 1_555 ? ? ? ? ? ? WATSON-CRICK ? ? ? 
hydrog5  hydrog ? ? A DC 4  N4 ? ? ? 1_555 B DG 9  O6 ? ? A DC 4  B DG 29 1_555 ? ? ? ? ? ? WATSON-CRICK ? ? ? 
hydrog6  hydrog ? ? A DC 4  O2 ? ? ? 1_555 B DG 9  N2 ? ? A DC 4  B DG 29 1_555 ? ? ? ? ? ? WATSON-CRICK ? ? ? 
hydrog7  hydrog ? ? A DA 5  N1 ? ? ? 1_555 B DT 8  N3 ? ? A DA 5  B DT 28 1_555 ? ? ? ? ? ? WATSON-CRICK ? ? ? 
hydrog8  hydrog ? ? A DA 5  N6 ? ? ? 1_555 B DT 8  O4 ? ? A DA 5  B DT 28 1_555 ? ? ? ? ? ? WATSON-CRICK ? ? ? 
hydrog9  hydrog ? ? A DA 6  N1 ? ? ? 1_555 B DT 7  N3 ? ? A DA 6  B DT 27 1_555 ? ? ? ? ? ? WATSON-CRICK ? ? ? 
hydrog10 hydrog ? ? A DA 6  N6 ? ? ? 1_555 B DT 7  O4 ? ? A DA 6  B DT 27 1_555 ? ? ? ? ? ? WATSON-CRICK ? ? ? 
hydrog11 hydrog ? ? A DT 7  N3 ? ? ? 1_555 B DA 6  N1 ? ? A DT 7  B DA 26 1_555 ? ? ? ? ? ? WATSON-CRICK ? ? ? 
hydrog12 hydrog ? ? A DT 7  O4 ? ? ? 1_555 B DA 6  N6 ? ? A DT 7  B DA 26 1_555 ? ? ? ? ? ? WATSON-CRICK ? ? ? 
hydrog13 hydrog ? ? A DT 8  N3 ? ? ? 1_555 B DA 5  N1 ? ? A DT 8  B DA 25 1_555 ? ? ? ? ? ? WATSON-CRICK ? ? ? 
hydrog14 hydrog ? ? A DT 8  O4 ? ? ? 1_555 B DA 5  N6 ? ? A DT 8  B DA 25 1_555 ? ? ? ? ? ? WATSON-CRICK ? ? ? 
hydrog15 hydrog ? ? A DG 9  N1 ? ? ? 1_555 B DC 4  N3 ? ? A DG 9  B DC 24 1_555 ? ? ? ? ? ? WATSON-CRICK ? ? ? 
hydrog16 hydrog ? ? A DG 9  N2 ? ? ? 1_555 B DC 4  O2 ? ? A DG 9  B DC 24 1_555 ? ? ? ? ? ? WATSON-CRICK ? ? ? 
hydrog17 hydrog ? ? A DG 9  O6 ? ? ? 1_555 B DC 4  N4 ? ? A DG 9  B DC 24 1_555 ? ? ? ? ? ? WATSON-CRICK ? ? ? 
hydrog18 hydrog ? ? A DG 10 N1 ? ? ? 1_555 B DC 3  N3 ? ? A DG 10 B DC 23 1_555 ? ? ? ? ? ? WATSON-CRICK ? ? ? 
hydrog19 hydrog ? ? A DG 10 N2 ? ? ? 1_555 B DC 3  O2 ? ? A DG 10 B DC 23 1_555 ? ? ? ? ? ? WATSON-CRICK ? ? ? 
hydrog20 hydrog ? ? A DG 10 O6 ? ? ? 1_555 B DC 3  N4 ? ? A DG 10 B DC 23 1_555 ? ? ? ? ? ? WATSON-CRICK ? ? ? 
# 
_struct_conn_type.id          hydrog 
_struct_conn_type.criteria    ? 
_struct_conn_type.reference   ? 
# 
loop_
_struct_site.id 
_struct_site.pdbx_evidence_code 
_struct_site.pdbx_auth_asym_id 
_struct_site.pdbx_auth_comp_id 
_struct_site.pdbx_auth_seq_id 
_struct_site.pdbx_auth_ins_code 
_struct_site.pdbx_num_residues 
_struct_site.details 
AC1 Software B DMY 31 ? 15 'BINDING SITE FOR RESIDUE DMY B 31' 
1   ?        ? ?   ?  ? ?  ?                                   
# 
loop_
_struct_site_gen.id 
_struct_site_gen.site_id 
_struct_site_gen.pdbx_num_res 
_struct_site_gen.label_comp_id 
_struct_site_gen.label_asym_id 
_struct_site_gen.label_seq_id 
_struct_site_gen.pdbx_auth_ins_code 
_struct_site_gen.auth_comp_id 
_struct_site_gen.auth_asym_id 
_struct_site_gen.auth_seq_id 
_struct_site_gen.label_atom_id 
_struct_site_gen.label_alt_id 
_struct_site_gen.symmetry 
_struct_site_gen.details 
1  AC1 15 DC  A 4 ? DC  A 4   . ? 1_555 ? 
2  AC1 15 DA  A 5 ? DA  A 5   . ? 1_555 ? 
3  AC1 15 DA  A 6 ? DA  A 6   . ? 1_555 ? 
4  AC1 15 DT  A 7 ? DT  A 7   . ? 1_555 ? 
5  AC1 15 DT  A 8 ? DT  A 8   . ? 1_555 ? 
6  AC1 15 DG  A 9 ? DG  A 9   . ? 1_555 ? 
7  AC1 15 HOH D . ? HOH A 126 . ? 1_555 ? 
8  AC1 15 HOH D . ? HOH A 142 . ? 1_555 ? 
9  AC1 15 DA  B 5 ? DA  B 25  . ? 1_555 ? 
10 AC1 15 DA  B 6 ? DA  B 26  . ? 1_555 ? 
11 AC1 15 DT  B 7 ? DT  B 27  . ? 1_555 ? 
12 AC1 15 DT  B 8 ? DT  B 28  . ? 1_555 ? 
13 AC1 15 DG  B 9 ? DG  B 29  . ? 1_555 ? 
14 AC1 15 HOH E . ? HOH B 116 . ? 1_555 ? 
15 AC1 15 HOH E . ? HOH B 153 . ? 1_555 ? 
# 
loop_
_pdbx_validate_rmsd_bond.id 
_pdbx_validate_rmsd_bond.PDB_model_num 
_pdbx_validate_rmsd_bond.auth_atom_id_1 
_pdbx_validate_rmsd_bond.auth_asym_id_1 
_pdbx_validate_rmsd_bond.auth_comp_id_1 
_pdbx_validate_rmsd_bond.auth_seq_id_1 
_pdbx_validate_rmsd_bond.PDB_ins_code_1 
_pdbx_validate_rmsd_bond.label_alt_id_1 
_pdbx_validate_rmsd_bond.auth_atom_id_2 
_pdbx_validate_rmsd_bond.auth_asym_id_2 
_pdbx_validate_rmsd_bond.auth_comp_id_2 
_pdbx_validate_rmsd_bond.auth_seq_id_2 
_pdbx_validate_rmsd_bond.PDB_ins_code_2 
_pdbx_validate_rmsd_bond.label_alt_id_2 
_pdbx_validate_rmsd_bond.bond_value 
_pdbx_validate_rmsd_bond.bond_target_value 
_pdbx_validate_rmsd_bond.bond_deviation 
_pdbx_validate_rmsd_bond.bond_standard_deviation 
_pdbx_validate_rmsd_bond.linker_flag 
1 1 "C1'" A DT 7  ? ? N1 A DT 7  ? ? 1.366 1.468 -0.102 0.014 N 
2 1 "C1'" A DT 8  ? ? N1 A DT 8  ? ? 1.361 1.468 -0.107 0.014 N 
3 1 "C1'" B DT 27 ? ? N1 B DT 27 ? ? 1.357 1.468 -0.111 0.014 N 
4 1 "C1'" B DT 28 ? ? N1 B DT 28 ? ? 1.363 1.468 -0.105 0.014 N 
# 
loop_
_pdbx_validate_rmsd_angle.id 
_pdbx_validate_rmsd_angle.PDB_model_num 
_pdbx_validate_rmsd_angle.auth_atom_id_1 
_pdbx_validate_rmsd_angle.auth_asym_id_1 
_pdbx_validate_rmsd_angle.auth_comp_id_1 
_pdbx_validate_rmsd_angle.auth_seq_id_1 
_pdbx_validate_rmsd_angle.PDB_ins_code_1 
_pdbx_validate_rmsd_angle.label_alt_id_1 
_pdbx_validate_rmsd_angle.auth_atom_id_2 
_pdbx_validate_rmsd_angle.auth_asym_id_2 
_pdbx_validate_rmsd_angle.auth_comp_id_2 
_pdbx_validate_rmsd_angle.auth_seq_id_2 
_pdbx_validate_rmsd_angle.PDB_ins_code_2 
_pdbx_validate_rmsd_angle.label_alt_id_2 
_pdbx_validate_rmsd_angle.auth_atom_id_3 
_pdbx_validate_rmsd_angle.auth_asym_id_3 
_pdbx_validate_rmsd_angle.auth_comp_id_3 
_pdbx_validate_rmsd_angle.auth_seq_id_3 
_pdbx_validate_rmsd_angle.PDB_ins_code_3 
_pdbx_validate_rmsd_angle.label_alt_id_3 
_pdbx_validate_rmsd_angle.angle_value 
_pdbx_validate_rmsd_angle.angle_target_value 
_pdbx_validate_rmsd_angle.angle_deviation 
_pdbx_validate_rmsd_angle.angle_standard_deviation 
_pdbx_validate_rmsd_angle.linker_flag 
1  1 "O4'" A DG 1  ? ? "C1'" A DG 1  ? ? N9    A DG 1  ? ? 103.72 108.00 -4.28 0.70 N 
2  1 "O5'" A DG 2  ? ? "C5'" A DG 2  ? ? "C4'" A DG 2  ? ? 102.54 109.40 -6.86 0.80 N 
3  1 "C3'" A DC 4  ? ? "C2'" A DC 4  ? ? "C1'" A DC 4  ? ? 97.03  102.40 -5.37 0.80 N 
4  1 "O4'" A DC 4  ? ? "C1'" A DC 4  ? ? N1    A DC 4  ? ? 111.82 108.30 3.52  0.30 N 
5  1 "C3'" A DC 4  ? ? "O3'" A DC 4  ? ? P     A DA 5  ? ? 130.06 119.70 10.36 1.20 Y 
6  1 N9    A DA 5  ? ? "C1'" A DA 5  ? ? "C2'" A DA 5  ? ? 122.73 114.30 8.43  1.40 N 
7  1 "O4'" A DA 5  ? ? "C1'" A DA 5  ? ? N9    A DA 5  ? ? 103.44 108.00 -4.56 0.70 N 
8  1 "O5'" A DA 6  ? ? "C5'" A DA 6  ? ? "C4'" A DA 6  ? ? 104.50 109.40 -4.90 0.80 N 
9  1 "O4'" A DA 6  ? ? "C1'" A DA 6  ? ? N9    A DA 6  ? ? 103.44 108.00 -4.56 0.70 N 
10 1 "O4'" A DT 7  ? ? "C1'" A DT 7  ? ? N1    A DT 7  ? ? 100.68 108.00 -7.32 0.70 N 
11 1 N1    A DT 8  ? ? "C1'" A DT 8  ? ? "C2'" A DT 8  ? ? 123.86 114.30 9.56  1.40 N 
12 1 "O4'" A DT 8  ? ? "C1'" A DT 8  ? ? N1    A DT 8  ? ? 99.98  108.00 -8.02 0.70 N 
13 1 C6    A DT 8  ? ? C5    A DT 8  ? ? C7    A DT 8  ? ? 118.56 122.90 -4.34 0.60 N 
14 1 "C3'" A DT 8  ? ? "O3'" A DT 8  ? ? P     A DG 9  ? ? 129.25 119.70 9.55  1.20 Y 
15 1 "O4'" A DG 9  ? ? "C1'" A DG 9  ? ? N9    A DG 9  ? ? 102.44 108.00 -5.56 0.70 N 
16 1 C8    A DG 10 ? ? N9    A DG 10 ? ? "C1'" A DG 10 ? ? 135.01 127.00 8.01  1.30 N 
17 1 C4    A DG 10 ? ? N9    A DG 10 ? ? "C1'" A DG 10 ? ? 118.61 126.50 -7.89 1.30 N 
18 1 "O4'" B DG 22 ? ? "C1'" B DG 22 ? ? N9    B DG 22 ? ? 110.86 108.30 2.56  0.30 N 
19 1 C8    B DG 22 ? ? N9    B DG 22 ? ? "C1'" B DG 22 ? ? 135.39 127.00 8.39  1.30 N 
20 1 "O5'" B DA 25 ? ? "C5'" B DA 25 ? ? "C4'" B DA 25 ? ? 103.87 109.40 -5.53 0.80 N 
21 1 "C3'" B DA 25 ? ? "C2'" B DA 25 ? ? "C1'" B DA 25 ? ? 95.43  102.40 -6.97 0.80 N 
22 1 "C3'" B DA 26 ? ? "O3'" B DA 26 ? ? P     B DT 27 ? ? 129.16 119.70 9.46  1.20 Y 
23 1 "O5'" B DT 27 ? ? "C5'" B DT 27 ? ? "C4'" B DT 27 ? ? 103.85 109.40 -5.55 0.80 N 
24 1 "O4'" B DT 27 ? ? "C1'" B DT 27 ? ? N1    B DT 27 ? ? 101.66 108.00 -6.34 0.70 N 
25 1 "O4'" B DT 28 ? ? "C1'" B DT 28 ? ? "C2'" B DT 28 ? ? 100.46 105.90 -5.44 0.80 N 
26 1 "O4'" B DT 28 ? ? "C1'" B DT 28 ? ? N1    B DT 28 ? ? 102.43 108.00 -5.57 0.70 N 
27 1 C6    B DT 28 ? ? C5    B DT 28 ? ? C7    B DT 28 ? ? 118.77 122.90 -4.13 0.60 N 
28 1 "O4'" B DG 29 ? ? "C1'" B DG 29 ? ? N9    B DG 29 ? ? 101.50 108.00 -6.50 0.70 N 
29 1 "O4'" B DG 30 ? ? "C1'" B DG 30 ? ? "C2'" B DG 30 ? ? 100.39 105.90 -5.51 0.80 N 
# 
_struct_site_keywords.site_id   1 
_struct_site_keywords.text      'MINOR GROOVE BINDER' 
# 
loop_
_chem_comp_atom.comp_id 
_chem_comp_atom.atom_id 
_chem_comp_atom.type_symbol 
_chem_comp_atom.pdbx_aromatic_flag 
_chem_comp_atom.pdbx_stereo_config 
_chem_comp_atom.pdbx_ordinal 
DA  OP3    O N N 1   
DA  P      P N N 2   
DA  OP1    O N N 3   
DA  OP2    O N N 4   
DA  "O5'"  O N N 5   
DA  "C5'"  C N N 6   
DA  "C4'"  C N R 7   
DA  "O4'"  O N N 8   
DA  "C3'"  C N S 9   
DA  "O3'"  O N N 10  
DA  "C2'"  C N N 11  
DA  "C1'"  C N R 12  
DA  N9     N Y N 13  
DA  C8     C Y N 14  
DA  N7     N Y N 15  
DA  C5     C Y N 16  
DA  C6     C Y N 17  
DA  N6     N N N 18  
DA  N1     N Y N 19  
DA  C2     C Y N 20  
DA  N3     N Y N 21  
DA  C4     C Y N 22  
DA  HOP3   H N N 23  
DA  HOP2   H N N 24  
DA  "H5'"  H N N 25  
DA  "H5''" H N N 26  
DA  "H4'"  H N N 27  
DA  "H3'"  H N N 28  
DA  "HO3'" H N N 29  
DA  "H2'"  H N N 30  
DA  "H2''" H N N 31  
DA  "H1'"  H N N 32  
DA  H8     H N N 33  
DA  H61    H N N 34  
DA  H62    H N N 35  
DA  H2     H N N 36  
DC  OP3    O N N 37  
DC  P      P N N 38  
DC  OP1    O N N 39  
DC  OP2    O N N 40  
DC  "O5'"  O N N 41  
DC  "C5'"  C N N 42  
DC  "C4'"  C N R 43  
DC  "O4'"  O N N 44  
DC  "C3'"  C N S 45  
DC  "O3'"  O N N 46  
DC  "C2'"  C N N 47  
DC  "C1'"  C N R 48  
DC  N1     N N N 49  
DC  C2     C N N 50  
DC  O2     O N N 51  
DC  N3     N N N 52  
DC  C4     C N N 53  
DC  N4     N N N 54  
DC  C5     C N N 55  
DC  C6     C N N 56  
DC  HOP3   H N N 57  
DC  HOP2   H N N 58  
DC  "H5'"  H N N 59  
DC  "H5''" H N N 60  
DC  "H4'"  H N N 61  
DC  "H3'"  H N N 62  
DC  "HO3'" H N N 63  
DC  "H2'"  H N N 64  
DC  "H2''" H N N 65  
DC  "H1'"  H N N 66  
DC  H41    H N N 67  
DC  H42    H N N 68  
DC  H5     H N N 69  
DC  H6     H N N 70  
DG  OP3    O N N 71  
DG  P      P N N 72  
DG  OP1    O N N 73  
DG  OP2    O N N 74  
DG  "O5'"  O N N 75  
DG  "C5'"  C N N 76  
DG  "C4'"  C N R 77  
DG  "O4'"  O N N 78  
DG  "C3'"  C N S 79  
DG  "O3'"  O N N 80  
DG  "C2'"  C N N 81  
DG  "C1'"  C N R 82  
DG  N9     N Y N 83  
DG  C8     C Y N 84  
DG  N7     N Y N 85  
DG  C5     C Y N 86  
DG  C6     C N N 87  
DG  O6     O N N 88  
DG  N1     N N N 89  
DG  C2     C N N 90  
DG  N2     N N N 91  
DG  N3     N N N 92  
DG  C4     C Y N 93  
DG  HOP3   H N N 94  
DG  HOP2   H N N 95  
DG  "H5'"  H N N 96  
DG  "H5''" H N N 97  
DG  "H4'"  H N N 98  
DG  "H3'"  H N N 99  
DG  "HO3'" H N N 100 
DG  "H2'"  H N N 101 
DG  "H2''" H N N 102 
DG  "H1'"  H N N 103 
DG  H8     H N N 104 
DG  H1     H N N 105 
DG  H21    H N N 106 
DG  H22    H N N 107 
DMY C1     C N N 108 
DMY O1     O N N 109 
DMY N1     N N N 110 
DMY C2     C Y N 111 
DMY C3     C Y N 112 
DMY C4     C Y N 113 
DMY N2     N Y N 114 
DMY C5     C Y N 115 
DMY C6     C N N 116 
DMY C7     C N N 117 
DMY O2     O N N 118 
DMY N3     N N N 119 
DMY C8     C Y N 120 
DMY C9     C Y N 121 
DMY C10    C Y N 122 
DMY N4     N Y N 123 
DMY C11    C Y N 124 
DMY C12    C N N 125 
DMY C13    C N N 126 
DMY O3     O N N 127 
DMY N5     N N N 128 
DMY C14    C Y N 129 
DMY C15    C Y N 130 
DMY C16    C Y N 131 
DMY N6     N Y N 132 
DMY C17    C Y N 133 
DMY C18    C N N 134 
DMY C19    C N N 135 
DMY O4     O N N 136 
DMY N7     N N N 137 
DMY C20    C N N 138 
DMY C21    C N N 139 
DMY C22    C N N 140 
DMY N8     N N N 141 
DMY N9     N N N 142 
DMY H1     H N N 143 
DMY HN1    H N N 144 
DMY H3     H N N 145 
DMY H5     H N N 146 
DMY H61    H N N 147 
DMY H62    H N N 148 
DMY H63    H N N 149 
DMY HN3    H N N 150 
DMY H9     H N N 151 
DMY H11    H N N 152 
DMY H121   H N N 153 
DMY H122   H N N 154 
DMY H123   H N N 155 
DMY HN5    H N N 156 
DMY H15    H N N 157 
DMY H17    H N N 158 
DMY H181   H N N 159 
DMY H182   H N N 160 
DMY H183   H N N 161 
DMY HN7    H N N 162 
DMY H201   H N N 163 
DMY H202   H N N 164 
DMY H211   H N N 165 
DMY H212   H N N 166 
DMY HN8    H N N 167 
DMY HN91   H N N 168 
DMY HN92   H N N 169 
DT  OP3    O N N 170 
DT  P      P N N 171 
DT  OP1    O N N 172 
DT  OP2    O N N 173 
DT  "O5'"  O N N 174 
DT  "C5'"  C N N 175 
DT  "C4'"  C N R 176 
DT  "O4'"  O N N 177 
DT  "C3'"  C N S 178 
DT  "O3'"  O N N 179 
DT  "C2'"  C N N 180 
DT  "C1'"  C N R 181 
DT  N1     N N N 182 
DT  C2     C N N 183 
DT  O2     O N N 184 
DT  N3     N N N 185 
DT  C4     C N N 186 
DT  O4     O N N 187 
DT  C5     C N N 188 
DT  C7     C N N 189 
DT  C6     C N N 190 
DT  HOP3   H N N 191 
DT  HOP2   H N N 192 
DT  "H5'"  H N N 193 
DT  "H5''" H N N 194 
DT  "H4'"  H N N 195 
DT  "H3'"  H N N 196 
DT  "HO3'" H N N 197 
DT  "H2'"  H N N 198 
DT  "H2''" H N N 199 
DT  "H1'"  H N N 200 
DT  H3     H N N 201 
DT  H71    H N N 202 
DT  H72    H N N 203 
DT  H73    H N N 204 
DT  H6     H N N 205 
HOH O      O N N 206 
HOH H1     H N N 207 
HOH H2     H N N 208 
# 
loop_
_chem_comp_bond.comp_id 
_chem_comp_bond.atom_id_1 
_chem_comp_bond.atom_id_2 
_chem_comp_bond.value_order 
_chem_comp_bond.pdbx_aromatic_flag 
_chem_comp_bond.pdbx_stereo_config 
_chem_comp_bond.pdbx_ordinal 
DA  OP3   P      sing N N 1   
DA  OP3   HOP3   sing N N 2   
DA  P     OP1    doub N N 3   
DA  P     OP2    sing N N 4   
DA  P     "O5'"  sing N N 5   
DA  OP2   HOP2   sing N N 6   
DA  "O5'" "C5'"  sing N N 7   
DA  "C5'" "C4'"  sing N N 8   
DA  "C5'" "H5'"  sing N N 9   
DA  "C5'" "H5''" sing N N 10  
DA  "C4'" "O4'"  sing N N 11  
DA  "C4'" "C3'"  sing N N 12  
DA  "C4'" "H4'"  sing N N 13  
DA  "O4'" "C1'"  sing N N 14  
DA  "C3'" "O3'"  sing N N 15  
DA  "C3'" "C2'"  sing N N 16  
DA  "C3'" "H3'"  sing N N 17  
DA  "O3'" "HO3'" sing N N 18  
DA  "C2'" "C1'"  sing N N 19  
DA  "C2'" "H2'"  sing N N 20  
DA  "C2'" "H2''" sing N N 21  
DA  "C1'" N9     sing N N 22  
DA  "C1'" "H1'"  sing N N 23  
DA  N9    C8     sing Y N 24  
DA  N9    C4     sing Y N 25  
DA  C8    N7     doub Y N 26  
DA  C8    H8     sing N N 27  
DA  N7    C5     sing Y N 28  
DA  C5    C6     sing Y N 29  
DA  C5    C4     doub Y N 30  
DA  C6    N6     sing N N 31  
DA  C6    N1     doub Y N 32  
DA  N6    H61    sing N N 33  
DA  N6    H62    sing N N 34  
DA  N1    C2     sing Y N 35  
DA  C2    N3     doub Y N 36  
DA  C2    H2     sing N N 37  
DA  N3    C4     sing Y N 38  
DC  OP3   P      sing N N 39  
DC  OP3   HOP3   sing N N 40  
DC  P     OP1    doub N N 41  
DC  P     OP2    sing N N 42  
DC  P     "O5'"  sing N N 43  
DC  OP2   HOP2   sing N N 44  
DC  "O5'" "C5'"  sing N N 45  
DC  "C5'" "C4'"  sing N N 46  
DC  "C5'" "H5'"  sing N N 47  
DC  "C5'" "H5''" sing N N 48  
DC  "C4'" "O4'"  sing N N 49  
DC  "C4'" "C3'"  sing N N 50  
DC  "C4'" "H4'"  sing N N 51  
DC  "O4'" "C1'"  sing N N 52  
DC  "C3'" "O3'"  sing N N 53  
DC  "C3'" "C2'"  sing N N 54  
DC  "C3'" "H3'"  sing N N 55  
DC  "O3'" "HO3'" sing N N 56  
DC  "C2'" "C1'"  sing N N 57  
DC  "C2'" "H2'"  sing N N 58  
DC  "C2'" "H2''" sing N N 59  
DC  "C1'" N1     sing N N 60  
DC  "C1'" "H1'"  sing N N 61  
DC  N1    C2     sing N N 62  
DC  N1    C6     sing N N 63  
DC  C2    O2     doub N N 64  
DC  C2    N3     sing N N 65  
DC  N3    C4     doub N N 66  
DC  C4    N4     sing N N 67  
DC  C4    C5     sing N N 68  
DC  N4    H41    sing N N 69  
DC  N4    H42    sing N N 70  
DC  C5    C6     doub N N 71  
DC  C5    H5     sing N N 72  
DC  C6    H6     sing N N 73  
DG  OP3   P      sing N N 74  
DG  OP3   HOP3   sing N N 75  
DG  P     OP1    doub N N 76  
DG  P     OP2    sing N N 77  
DG  P     "O5'"  sing N N 78  
DG  OP2   HOP2   sing N N 79  
DG  "O5'" "C5'"  sing N N 80  
DG  "C5'" "C4'"  sing N N 81  
DG  "C5'" "H5'"  sing N N 82  
DG  "C5'" "H5''" sing N N 83  
DG  "C4'" "O4'"  sing N N 84  
DG  "C4'" "C3'"  sing N N 85  
DG  "C4'" "H4'"  sing N N 86  
DG  "O4'" "C1'"  sing N N 87  
DG  "C3'" "O3'"  sing N N 88  
DG  "C3'" "C2'"  sing N N 89  
DG  "C3'" "H3'"  sing N N 90  
DG  "O3'" "HO3'" sing N N 91  
DG  "C2'" "C1'"  sing N N 92  
DG  "C2'" "H2'"  sing N N 93  
DG  "C2'" "H2''" sing N N 94  
DG  "C1'" N9     sing N N 95  
DG  "C1'" "H1'"  sing N N 96  
DG  N9    C8     sing Y N 97  
DG  N9    C4     sing Y N 98  
DG  C8    N7     doub Y N 99  
DG  C8    H8     sing N N 100 
DG  N7    C5     sing Y N 101 
DG  C5    C6     sing N N 102 
DG  C5    C4     doub Y N 103 
DG  C6    O6     doub N N 104 
DG  C6    N1     sing N N 105 
DG  N1    C2     sing N N 106 
DG  N1    H1     sing N N 107 
DG  C2    N2     sing N N 108 
DG  C2    N3     doub N N 109 
DG  N2    H21    sing N N 110 
DG  N2    H22    sing N N 111 
DG  N3    C4     sing N N 112 
DMY C1    O1     doub N N 113 
DMY C1    N1     sing N N 114 
DMY C1    H1     sing N N 115 
DMY N1    C2     sing N N 116 
DMY N1    HN1    sing N N 117 
DMY C2    C3     sing Y N 118 
DMY C2    C5     doub Y N 119 
DMY C3    C4     doub Y N 120 
DMY C3    H3     sing N N 121 
DMY C4    N2     sing Y N 122 
DMY C4    C7     sing N N 123 
DMY N2    C5     sing Y N 124 
DMY N2    C6     sing N N 125 
DMY C5    H5     sing N N 126 
DMY C6    H61    sing N N 127 
DMY C6    H62    sing N N 128 
DMY C6    H63    sing N N 129 
DMY C7    O2     doub N N 130 
DMY C7    N3     sing N N 131 
DMY N3    C8     sing N N 132 
DMY N3    HN3    sing N N 133 
DMY C8    C9     sing Y N 134 
DMY C8    C11    doub Y N 135 
DMY C9    C10    doub Y N 136 
DMY C9    H9     sing N N 137 
DMY C10   N4     sing Y N 138 
DMY C10   C13    sing N N 139 
DMY N4    C11    sing Y N 140 
DMY N4    C12    sing N N 141 
DMY C11   H11    sing N N 142 
DMY C12   H121   sing N N 143 
DMY C12   H122   sing N N 144 
DMY C12   H123   sing N N 145 
DMY C13   O3     doub N N 146 
DMY C13   N5     sing N N 147 
DMY N5    C14    sing N N 148 
DMY N5    HN5    sing N N 149 
DMY C14   C15    sing Y N 150 
DMY C14   C17    doub Y N 151 
DMY C15   C16    doub Y N 152 
DMY C15   H15    sing N N 153 
DMY C16   N6     sing Y N 154 
DMY C16   C19    sing N N 155 
DMY N6    C17    sing Y N 156 
DMY N6    C18    sing N N 157 
DMY C17   H17    sing N N 158 
DMY C18   H181   sing N N 159 
DMY C18   H182   sing N N 160 
DMY C18   H183   sing N N 161 
DMY C19   O4     doub N N 162 
DMY C19   N7     sing N N 163 
DMY N7    C20    sing N N 164 
DMY N7    HN7    sing N N 165 
DMY C20   C21    sing N N 166 
DMY C20   H201   sing N N 167 
DMY C20   H202   sing N N 168 
DMY C21   C22    sing N N 169 
DMY C21   H211   sing N N 170 
DMY C21   H212   sing N N 171 
DMY C22   N8     doub N N 172 
DMY C22   N9     sing N N 173 
DMY N8    HN8    sing N N 174 
DMY N9    HN91   sing N N 175 
DMY N9    HN92   sing N N 176 
DT  OP3   P      sing N N 177 
DT  OP3   HOP3   sing N N 178 
DT  P     OP1    doub N N 179 
DT  P     OP2    sing N N 180 
DT  P     "O5'"  sing N N 181 
DT  OP2   HOP2   sing N N 182 
DT  "O5'" "C5'"  sing N N 183 
DT  "C5'" "C4'"  sing N N 184 
DT  "C5'" "H5'"  sing N N 185 
DT  "C5'" "H5''" sing N N 186 
DT  "C4'" "O4'"  sing N N 187 
DT  "C4'" "C3'"  sing N N 188 
DT  "C4'" "H4'"  sing N N 189 
DT  "O4'" "C1'"  sing N N 190 
DT  "C3'" "O3'"  sing N N 191 
DT  "C3'" "C2'"  sing N N 192 
DT  "C3'" "H3'"  sing N N 193 
DT  "O3'" "HO3'" sing N N 194 
DT  "C2'" "C1'"  sing N N 195 
DT  "C2'" "H2'"  sing N N 196 
DT  "C2'" "H2''" sing N N 197 
DT  "C1'" N1     sing N N 198 
DT  "C1'" "H1'"  sing N N 199 
DT  N1    C2     sing N N 200 
DT  N1    C6     sing N N 201 
DT  C2    O2     doub N N 202 
DT  C2    N3     sing N N 203 
DT  N3    C4     sing N N 204 
DT  N3    H3     sing N N 205 
DT  C4    O4     doub N N 206 
DT  C4    C5     sing N N 207 
DT  C5    C7     sing N N 208 
DT  C5    C6     doub N N 209 
DT  C7    H71    sing N N 210 
DT  C7    H72    sing N N 211 
DT  C7    H73    sing N N 212 
DT  C6    H6     sing N N 213 
HOH O     H1     sing N N 214 
HOH O     H2     sing N N 215 
# 
_ndb_struct_conf_na.entry_id   1JTL 
_ndb_struct_conf_na.feature    'b-form double helix' 
# 
loop_
_ndb_struct_na_base_pair.model_number 
_ndb_struct_na_base_pair.i_label_asym_id 
_ndb_struct_na_base_pair.i_label_comp_id 
_ndb_struct_na_base_pair.i_label_seq_id 
_ndb_struct_na_base_pair.i_symmetry 
_ndb_struct_na_base_pair.j_label_asym_id 
_ndb_struct_na_base_pair.j_label_comp_id 
_ndb_struct_na_base_pair.j_label_seq_id 
_ndb_struct_na_base_pair.j_symmetry 
_ndb_struct_na_base_pair.shear 
_ndb_struct_na_base_pair.stretch 
_ndb_struct_na_base_pair.stagger 
_ndb_struct_na_base_pair.buckle 
_ndb_struct_na_base_pair.propeller 
_ndb_struct_na_base_pair.opening 
_ndb_struct_na_base_pair.pair_number 
_ndb_struct_na_base_pair.pair_name 
_ndb_struct_na_base_pair.i_auth_asym_id 
_ndb_struct_na_base_pair.i_auth_seq_id 
_ndb_struct_na_base_pair.i_PDB_ins_code 
_ndb_struct_na_base_pair.j_auth_asym_id 
_ndb_struct_na_base_pair.j_auth_seq_id 
_ndb_struct_na_base_pair.j_PDB_ins_code 
_ndb_struct_na_base_pair.hbond_type_28 
_ndb_struct_na_base_pair.hbond_type_12 
1 A DC 3  1_555 B DG 10 1_555 0.196  -0.243 -0.146 5.858  -17.337 -3.543 1 A_DC3:DG30_B  A 3  ? B 30 ? 19 1 
1 A DC 4  1_555 B DG 9  1_555 -0.058 -0.240 -0.154 12.069 -0.687  -2.907 2 A_DC4:DG29_B  A 4  ? B 29 ? 19 1 
1 A DA 5  1_555 B DT 8  1_555 0.241  -0.039 0.004  9.580  -14.115 3.987  3 A_DA5:DT28_B  A 5  ? B 28 ? 20 1 
1 A DA 6  1_555 B DT 7  1_555 0.296  0.052  0.034  5.998  -23.873 8.735  4 A_DA6:DT27_B  A 6  ? B 27 ? 20 1 
1 A DT 7  1_555 B DA 6  1_555 -0.100 0.016  -0.048 -0.462 -20.774 3.225  5 A_DT7:DA26_B  A 7  ? B 26 ? 20 1 
1 A DT 8  1_555 B DA 5  1_555 0.051  -0.167 -0.170 -9.081 -15.772 6.733  6 A_DT8:DA25_B  A 8  ? B 25 ? 20 1 
1 A DG 9  1_555 B DC 4  1_555 -0.193 -0.167 0.016  -6.190 -11.951 -2.883 7 A_DG9:DC24_B  A 9  ? B 24 ? 19 1 
1 A DG 10 1_555 B DC 3  1_555 -0.235 -0.117 0.094  -2.573 -16.201 -3.166 8 A_DG10:DC23_B A 10 ? B 23 ? 19 1 
# 
loop_
_ndb_struct_na_base_pair_step.model_number 
_ndb_struct_na_base_pair_step.i_label_asym_id_1 
_ndb_struct_na_base_pair_step.i_label_comp_id_1 
_ndb_struct_na_base_pair_step.i_label_seq_id_1 
_ndb_struct_na_base_pair_step.i_symmetry_1 
_ndb_struct_na_base_pair_step.j_label_asym_id_1 
_ndb_struct_na_base_pair_step.j_label_comp_id_1 
_ndb_struct_na_base_pair_step.j_label_seq_id_1 
_ndb_struct_na_base_pair_step.j_symmetry_1 
_ndb_struct_na_base_pair_step.i_label_asym_id_2 
_ndb_struct_na_base_pair_step.i_label_comp_id_2 
_ndb_struct_na_base_pair_step.i_label_seq_id_2 
_ndb_struct_na_base_pair_step.i_symmetry_2 
_ndb_struct_na_base_pair_step.j_label_asym_id_2 
_ndb_struct_na_base_pair_step.j_label_comp_id_2 
_ndb_struct_na_base_pair_step.j_label_seq_id_2 
_ndb_struct_na_base_pair_step.j_symmetry_2 
_ndb_struct_na_base_pair_step.shift 
_ndb_struct_na_base_pair_step.slide 
_ndb_struct_na_base_pair_step.rise 
_ndb_struct_na_base_pair_step.tilt 
_ndb_struct_na_base_pair_step.roll 
_ndb_struct_na_base_pair_step.twist 
_ndb_struct_na_base_pair_step.x_displacement 
_ndb_struct_na_base_pair_step.y_displacement 
_ndb_struct_na_base_pair_step.helical_rise 
_ndb_struct_na_base_pair_step.inclination 
_ndb_struct_na_base_pair_step.tip 
_ndb_struct_na_base_pair_step.helical_twist 
_ndb_struct_na_base_pair_step.step_number 
_ndb_struct_na_base_pair_step.step_name 
_ndb_struct_na_base_pair_step.i_auth_asym_id_1 
_ndb_struct_na_base_pair_step.i_auth_seq_id_1 
_ndb_struct_na_base_pair_step.i_PDB_ins_code_1 
_ndb_struct_na_base_pair_step.j_auth_asym_id_1 
_ndb_struct_na_base_pair_step.j_auth_seq_id_1 
_ndb_struct_na_base_pair_step.j_PDB_ins_code_1 
_ndb_struct_na_base_pair_step.i_auth_asym_id_2 
_ndb_struct_na_base_pair_step.i_auth_seq_id_2 
_ndb_struct_na_base_pair_step.i_PDB_ins_code_2 
_ndb_struct_na_base_pair_step.j_auth_asym_id_2 
_ndb_struct_na_base_pair_step.j_auth_seq_id_2 
_ndb_struct_na_base_pair_step.j_PDB_ins_code_2 
1 A DC 3 1_555 B DG 10 1_555 A DC 4  1_555 B DG 9 1_555 0.463  0.168  3.247 5.880  15.365 23.163 -3.313 0.454  2.847 33.395 
-12.780 28.345 1 AA_DC3DC4:DG29DG30_BB  A 3 ? B 30 ? A 4  ? B 29 ? 
1 A DC 4 1_555 B DG 9  1_555 A DA 5  1_555 B DT 8 1_555 0.287  1.119  3.446 0.525  4.895  47.791 0.962  -0.309 3.540 6.024  -0.646 
48.029 2 AA_DC4DA5:DT28DG29_BB  A 4 ? B 29 ? A 5  ? B 28 ? 
1 A DA 5 1_555 B DT 8  1_555 A DA 6  1_555 B DT 7 1_555 -0.061 0.093  3.287 -0.917 2.548  35.805 -0.215 -0.034 3.286 4.137  1.489 
35.904 3 AA_DA5DA6:DT27DT28_BB  A 5 ? B 28 ? A 6  ? B 27 ? 
1 A DA 6 1_555 B DT 7  1_555 A DT 7  1_555 B DA 6 1_555 -0.041 -0.476 3.267 -0.220 -1.008 34.232 -0.649 0.034  3.279 -1.712 0.374 
34.247 4 AA_DA6DT7:DA26DT27_BB  A 6 ? B 27 ? A 7  ? B 26 ? 
1 A DT 7 1_555 B DA 6  1_555 A DT 8  1_555 B DA 5 1_555 0.777  0.321  3.495 4.253  1.693  40.540 0.258  -0.608 3.565 2.433  -6.115 
40.787 5 AA_DT7DT8:DA25DA26_BB  A 7 ? B 26 ? A 8  ? B 25 ? 
1 A DT 8 1_555 B DA 5  1_555 A DG 9  1_555 B DC 4 1_555 -0.764 0.125  3.259 -2.789 12.127 28.855 -2.090 0.879  3.118 23.030 5.296 
31.372 6 AA_DT8DG9:DC24DA25_BB  A 8 ? B 25 ? A 9  ? B 24 ? 
1 A DG 9 1_555 B DC 4  1_555 A DG 10 1_555 B DC 3 1_555 0.111  -0.291 3.247 -1.409 5.757  30.011 -1.675 -0.486 3.130 10.982 2.689 
30.578 7 AA_DG9DG10:DC23DC24_BB A 9 ? B 24 ? A 10 ? B 23 ? 
# 
_pdbx_initial_refinement_model.accession_code   432D 
_pdbx_initial_refinement_model.id               1 
_pdbx_initial_refinement_model.entity_id_list   ? 
_pdbx_initial_refinement_model.type             'experimental model' 
_pdbx_initial_refinement_model.source_name      PDB 
_pdbx_initial_refinement_model.details          'DD0002 used as starting model for refinement' 
# 
_atom_sites.entry_id                    1JTL 
_atom_sites.fract_transf_matrix[1][1]   0.01699082 
_atom_sites.fract_transf_matrix[1][2]   -0.03570516 
_atom_sites.fract_transf_matrix[1][3]   -0.00031969 
_atom_sites.fract_transf_matrix[2][1]   -0.00129856 
_atom_sites.fract_transf_matrix[2][2]   -0.00037252 
_atom_sites.fract_transf_matrix[2][3]   -0.02740973 
_atom_sites.fract_transf_matrix[3][1]   0.01699871 
_atom_sites.fract_transf_matrix[3][2]   0.00809728 
_atom_sites.fract_transf_matrix[3][3]   -0.00091537 
_atom_sites.fract_transf_vector[1]      0.351212 
_atom_sites.fract_transf_vector[2]      0.442589 
_atom_sites.fract_transf_vector[3]      0.292989 
# 
loop_
_atom_type.symbol 
C 
N 
O 
P 
# 
loop_
_atom_site.group_PDB 
_atom_site.id 
_atom_site.type_symbol 
_atom_site.label_atom_id 
_atom_site.label_alt_id 
_atom_site.label_comp_id 
_atom_site.label_asym_id 
_atom_site.label_entity_id 
_atom_site.label_seq_id 
_atom_site.pdbx_PDB_ins_code 
_atom_site.Cartn_x 
_atom_site.Cartn_y 
_atom_site.Cartn_z 
_atom_site.occupancy 
_atom_site.B_iso_or_equiv 
_atom_site.pdbx_formal_charge 
_atom_site.auth_seq_id 
_atom_site.auth_comp_id 
_atom_site.auth_asym_id 
_atom_site.auth_atom_id 
_atom_site.pdbx_PDB_model_num 
ATOM   1   O "O5'" . DG  A 1 1  ? -13.145 -20.071 8.079   1.00 35.70 ? 1   DG  A "O5'" 1 
ATOM   2   C "C5'" . DG  A 1 1  ? -12.055 -19.277 7.555   1.00 33.22 ? 1   DG  A "C5'" 1 
ATOM   3   C "C4'" . DG  A 1 1  ? -11.949 -18.035 8.426   1.00 32.01 ? 1   DG  A "C4'" 1 
ATOM   4   O "O4'" . DG  A 1 1  ? -11.296 -18.275 9.633   1.00 29.81 ? 1   DG  A "O4'" 1 
ATOM   5   C "C3'" . DG  A 1 1  ? -11.221 -16.864 7.757   1.00 32.49 ? 1   DG  A "C3'" 1 
ATOM   6   O "O3'" . DG  A 1 1  ? -12.118 -15.757 7.675   1.00 33.78 ? 1   DG  A "O3'" 1 
ATOM   7   C "C2'" . DG  A 1 1  ? -10.007 -16.576 8.621   1.00 30.00 ? 1   DG  A "C2'" 1 
ATOM   8   C "C1'" . DG  A 1 1  ? -10.347 -17.204 9.952   1.00 27.09 ? 1   DG  A "C1'" 1 
ATOM   9   N N9    . DG  A 1 1  ? -9.271  -17.889 10.618  1.00 20.50 ? 1   DG  A N9    1 
ATOM   10  C C8    . DG  A 1 1  ? -8.288  -18.744 10.181  1.00 19.36 ? 1   DG  A C8    1 
ATOM   11  N N7    . DG  A 1 1  ? -7.500  -19.174 11.139  1.00 17.95 ? 1   DG  A N7    1 
ATOM   12  C C5    . DG  A 1 1  ? -7.998  -18.541 12.280  1.00 15.50 ? 1   DG  A C5    1 
ATOM   13  C C6    . DG  A 1 1  ? -7.581  -18.660 13.632  1.00 16.94 ? 1   DG  A C6    1 
ATOM   14  O O6    . DG  A 1 1  ? -6.657  -19.357 14.045  1.00 19.35 ? 1   DG  A O6    1 
ATOM   15  N N1    . DG  A 1 1  ? -8.383  -17.915 14.507  1.00 13.41 ? 1   DG  A N1    1 
ATOM   16  C C2    . DG  A 1 1  ? -9.456  -17.166 14.102  1.00 13.79 ? 1   DG  A C2    1 
ATOM   17  N N2    . DG  A 1 1  ? -10.136 -16.491 15.042  1.00 16.65 ? 1   DG  A N2    1 
ATOM   18  N N3    . DG  A 1 1  ? -9.860  -17.051 12.834  1.00 15.50 ? 1   DG  A N3    1 
ATOM   19  C C4    . DG  A 1 1  ? -9.110  -17.794 11.988  1.00 16.38 ? 1   DG  A C4    1 
ATOM   20  P P     . DG  A 1 2  ? -11.876 -14.537 6.687   1.00 33.13 ? 2   DG  A P     1 
ATOM   21  O OP1   . DG  A 1 2  ? -13.215 -14.310 6.116   1.00 39.75 ? 2   DG  A OP1   1 
ATOM   22  O OP2   . DG  A 1 2  ? -10.822 -14.887 5.670   1.00 33.73 ? 2   DG  A OP2   1 
ATOM   23  O "O5'" . DG  A 1 2  ? -11.352 -13.316 7.576   1.00 26.13 ? 2   DG  A "O5'" 1 
ATOM   24  C "C5'" . DG  A 1 2  ? -12.240 -12.645 8.494   1.00 19.44 ? 2   DG  A "C5'" 1 
ATOM   25  C "C4'" . DG  A 1 2  ? -11.273 -11.951 9.442   1.00 17.62 ? 2   DG  A "C4'" 1 
ATOM   26  O "O4'" . DG  A 1 2  ? -10.441 -12.905 10.069  1.00 19.14 ? 2   DG  A "O4'" 1 
ATOM   27  C "C3'" . DG  A 1 2  ? -10.342 -10.999 8.684   1.00 20.87 ? 2   DG  A "C3'" 1 
ATOM   28  O "O3'" . DG  A 1 2  ? -10.292 -9.747  9.333   1.00 21.15 ? 2   DG  A "O3'" 1 
ATOM   29  C "C2'" . DG  A 1 2  ? -8.978  -11.707 8.715   1.00 19.62 ? 2   DG  A "C2'" 1 
ATOM   30  C "C1'" . DG  A 1 2  ? -9.081  -12.395 10.098  1.00 18.28 ? 2   DG  A "C1'" 1 
ATOM   31  N N9    . DG  A 1 2  ? -8.178  -13.471 10.303  1.00 15.79 ? 2   DG  A N9    1 
ATOM   32  C C8    . DG  A 1 2  ? -7.437  -14.268 9.448   1.00 16.64 ? 2   DG  A C8    1 
ATOM   33  N N7    . DG  A 1 2  ? -6.660  -15.125 10.037  1.00 15.11 ? 2   DG  A N7    1 
ATOM   34  C C5    . DG  A 1 2  ? -6.884  -14.884 11.385  1.00 15.43 ? 2   DG  A C5    1 
ATOM   35  C C6    . DG  A 1 2  ? -6.316  -15.547 12.493  1.00 15.28 ? 2   DG  A C6    1 
ATOM   36  O O6    . DG  A 1 2  ? -5.516  -16.488 12.500  1.00 18.07 ? 2   DG  A O6    1 
ATOM   37  N N1    . DG  A 1 2  ? -6.799  -15.017 13.683  1.00 16.55 ? 2   DG  A N1    1 
ATOM   38  C C2    . DG  A 1 2  ? -7.698  -13.991 13.773  1.00 17.03 ? 2   DG  A C2    1 
ATOM   39  N N2    . DG  A 1 2  ? -8.007  -13.596 15.019  1.00 16.35 ? 2   DG  A N2    1 
ATOM   40  N N3    . DG  A 1 2  ? -8.261  -13.364 12.747  1.00 15.31 ? 2   DG  A N3    1 
ATOM   41  C C4    . DG  A 1 2  ? -7.785  -13.865 11.573  1.00 15.34 ? 2   DG  A C4    1 
ATOM   42  P P     . DC  A 1 3  ? -11.273 -8.533  9.114   1.00 26.41 ? 3   DC  A P     1 
ATOM   43  O OP1   . DC  A 1 3  ? -10.853 -7.582  10.150  1.00 30.57 ? 3   DC  A OP1   1 
ATOM   44  O OP2   . DC  A 1 3  ? -12.734 -8.880  9.154   1.00 27.53 ? 3   DC  A OP2   1 
ATOM   45  O "O5'" . DC  A 1 3  ? -10.931 -8.066  7.592   1.00 29.21 ? 3   DC  A "O5'" 1 
ATOM   46  C "C5'" . DC  A 1 3  ? -9.516  -7.964  7.276   1.00 28.83 ? 3   DC  A "C5'" 1 
ATOM   47  C "C4'" . DC  A 1 3  ? -9.296  -8.583  5.895   1.00 27.47 ? 3   DC  A "C4'" 1 
ATOM   48  O "O4'" . DC  A 1 3  ? -10.084 -7.876  4.984   1.00 25.26 ? 3   DC  A "O4'" 1 
ATOM   49  C "C3'" . DC  A 1 3  ? -7.862  -8.438  5.408   1.00 28.30 ? 3   DC  A "C3'" 1 
ATOM   50  O "O3'" . DC  A 1 3  ? -7.007  -9.554  5.642   1.00 34.59 ? 3   DC  A "O3'" 1 
ATOM   51  C "C2'" . DC  A 1 3  ? -7.982  -8.138  3.929   1.00 27.34 ? 3   DC  A "C2'" 1 
ATOM   52  C "C1'" . DC  A 1 3  ? -9.433  -7.806  3.700   1.00 25.40 ? 3   DC  A "C1'" 1 
ATOM   53  N N1    . DC  A 1 3  ? -9.731  -6.502  3.102   1.00 20.73 ? 3   DC  A N1    1 
ATOM   54  C C2    . DC  A 1 3  ? -9.979  -6.526  1.718   1.00 17.56 ? 3   DC  A C2    1 
ATOM   55  O O2    . DC  A 1 3  ? -9.884  -7.597  1.103   1.00 21.37 ? 3   DC  A O2    1 
ATOM   56  N N3    . DC  A 1 3  ? -10.214 -5.362  1.105   1.00 15.56 ? 3   DC  A N3    1 
ATOM   57  C C4    . DC  A 1 3  ? -10.347 -4.222  1.758   1.00 14.55 ? 3   DC  A C4    1 
ATOM   58  N N4    . DC  A 1 3  ? -10.576 -3.118  1.051   1.00 16.67 ? 3   DC  A N4    1 
ATOM   59  C C5    . DC  A 1 3  ? -10.091 -4.167  3.170   1.00 18.22 ? 3   DC  A C5    1 
ATOM   60  C C6    . DC  A 1 3  ? -9.732  -5.322  3.771   1.00 18.54 ? 3   DC  A C6    1 
ATOM   61  P P     . DC  A 1 4  ? -5.503  -9.225  6.214   1.00 38.59 ? 4   DC  A P     1 
ATOM   62  O OP1   . DC  A 1 4  ? -5.282  -10.314 7.180   1.00 35.83 ? 4   DC  A OP1   1 
ATOM   63  O OP2   . DC  A 1 4  ? -5.528  -7.870  6.858   1.00 37.24 ? 4   DC  A OP2   1 
ATOM   64  O "O5'" . DC  A 1 4  ? -4.601  -9.242  4.906   1.00 36.92 ? 4   DC  A "O5'" 1 
ATOM   65  C "C5'" . DC  A 1 4  ? -5.030  -9.723  3.649   1.00 36.86 ? 4   DC  A "C5'" 1 
ATOM   66  C "C4'" . DC  A 1 4  ? -4.326  -9.067  2.483   1.00 36.46 ? 4   DC  A "C4'" 1 
ATOM   67  O "O4'" . DC  A 1 4  ? -5.196  -8.075  1.925   1.00 34.13 ? 4   DC  A "O4'" 1 
ATOM   68  C "C3'" . DC  A 1 4  ? -2.986  -8.376  2.712   1.00 37.20 ? 4   DC  A "C3'" 1 
ATOM   69  O "O3'" . DC  A 1 4  ? -2.123  -8.351  1.580   1.00 39.84 ? 4   DC  A "O3'" 1 
ATOM   70  C "C2'" . DC  A 1 4  ? -3.473  -6.934  2.970   1.00 36.90 ? 4   DC  A "C2'" 1 
ATOM   71  C "C1'" . DC  A 1 4  ? -4.465  -6.853  1.782   1.00 33.57 ? 4   DC  A "C1'" 1 
ATOM   72  N N1    . DC  A 1 4  ? -5.342  -5.690  1.816   1.00 29.79 ? 4   DC  A N1    1 
ATOM   73  C C2    . DC  A 1 4  ? -5.917  -5.304  0.598   1.00 26.09 ? 4   DC  A C2    1 
ATOM   74  O O2    . DC  A 1 4  ? -5.640  -5.944  -0.420  1.00 35.70 ? 4   DC  A O2    1 
ATOM   75  N N3    . DC  A 1 4  ? -6.737  -4.242  0.550   1.00 22.39 ? 4   DC  A N3    1 
ATOM   76  C C4    . DC  A 1 4  ? -6.972  -3.533  1.635   1.00 22.48 ? 4   DC  A C4    1 
ATOM   77  N N4    . DC  A 1 4  ? -7.762  -2.468  1.524   1.00 24.92 ? 4   DC  A N4    1 
ATOM   78  C C5    . DC  A 1 4  ? -6.459  -3.949  2.906   1.00 27.70 ? 4   DC  A C5    1 
ATOM   79  C C6    . DC  A 1 4  ? -5.606  -4.978  2.953   1.00 28.59 ? 4   DC  A C6    1 
ATOM   80  P P     . DA  A 1 5  ? -0.783  -9.182  1.285   1.00 39.22 ? 5   DA  A P     1 
ATOM   81  O OP1   . DA  A 1 5  ? -1.144  -10.593 1.555   1.00 42.27 ? 5   DA  A OP1   1 
ATOM   82  O OP2   . DA  A 1 5  ? 0.343   -8.701  2.128   1.00 40.34 ? 5   DA  A OP2   1 
ATOM   83  O "O5'" . DA  A 1 5  ? -0.517  -8.907  -0.263  1.00 38.55 ? 5   DA  A "O5'" 1 
ATOM   84  C "C5'" . DA  A 1 5  ? -1.463  -9.381  -1.243  1.00 39.60 ? 5   DA  A "C5'" 1 
ATOM   85  C "C4'" . DA  A 1 5  ? -1.386  -8.487  -2.457  1.00 41.02 ? 5   DA  A "C4'" 1 
ATOM   86  O "O4'" . DA  A 1 5  ? -2.082  -7.277  -2.269  1.00 40.89 ? 5   DA  A "O4'" 1 
ATOM   87  C "C3'" . DA  A 1 5  ? 0.028   -8.100  -2.899  1.00 40.28 ? 5   DA  A "C3'" 1 
ATOM   88  O "O3'" . DA  A 1 5  ? 0.124   -8.161  -4.322  1.00 43.33 ? 5   DA  A "O3'" 1 
ATOM   89  C "C2'" . DA  A 1 5  ? 0.212   -6.725  -2.294  1.00 38.83 ? 5   DA  A "C2'" 1 
ATOM   90  C "C1'" . DA  A 1 5  ? -1.191  -6.126  -2.314  1.00 37.48 ? 5   DA  A "C1'" 1 
ATOM   91  N N9    . DA  A 1 5  ? -1.685  -5.284  -1.273  1.00 34.50 ? 5   DA  A N9    1 
ATOM   92  C C8    . DA  A 1 5  ? -1.342  -5.398  0.046   1.00 35.31 ? 5   DA  A C8    1 
ATOM   93  N N7    . DA  A 1 5  ? -1.926  -4.518  0.834   1.00 35.24 ? 5   DA  A N7    1 
ATOM   94  C C5    . DA  A 1 5  ? -2.736  -3.780  -0.026  1.00 32.96 ? 5   DA  A C5    1 
ATOM   95  C C6    . DA  A 1 5  ? -3.631  -2.712  0.168   1.00 30.57 ? 5   DA  A C6    1 
ATOM   96  N N6    . DA  A 1 5  ? -3.915  -2.116  1.321   1.00 23.54 ? 5   DA  A N6    1 
ATOM   97  N N1    . DA  A 1 5  ? -4.258  -2.210  -0.916  1.00 31.68 ? 5   DA  A N1    1 
ATOM   98  C C2    . DA  A 1 5  ? -4.012  -2.772  -2.094  1.00 32.41 ? 5   DA  A C2    1 
ATOM   99  N N3    . DA  A 1 5  ? -3.210  -3.792  -2.402  1.00 33.24 ? 5   DA  A N3    1 
ATOM   100 C C4    . DA  A 1 5  ? -2.600  -4.254  -1.313  1.00 32.93 ? 5   DA  A C4    1 
ATOM   101 P P     . DA  A 1 6  ? 1.367   -7.532  -5.135  1.00 44.56 ? 6   DA  A P     1 
ATOM   102 O OP1   . DA  A 1 6  ? 1.646   -8.506  -6.206  1.00 44.42 ? 6   DA  A OP1   1 
ATOM   103 O OP2   . DA  A 1 6  ? 2.496   -7.322  -4.174  1.00 46.89 ? 6   DA  A OP2   1 
ATOM   104 O "O5'" . DA  A 1 6  ? 0.809   -6.146  -5.685  1.00 38.91 ? 6   DA  A "O5'" 1 
ATOM   105 C "C5'" . DA  A 1 6  ? -0.408  -6.055  -6.445  1.00 33.09 ? 6   DA  A "C5'" 1 
ATOM   106 C "C4'" . DA  A 1 6  ? -0.611  -4.566  -6.663  1.00 31.29 ? 6   DA  A "C4'" 1 
ATOM   107 O "O4'" . DA  A 1 6  ? -0.884  -3.917  -5.455  1.00 28.48 ? 6   DA  A "O4'" 1 
ATOM   108 C "C3'" . DA  A 1 6  ? 0.599   -3.844  -7.289  1.00 31.98 ? 6   DA  A "C3'" 1 
ATOM   109 O "O3'" . DA  A 1 6  ? 0.155   -2.972  -8.351  1.00 36.06 ? 6   DA  A "O3'" 1 
ATOM   110 C "C2'" . DA  A 1 6  ? 1.221   -3.143  -6.089  1.00 25.79 ? 6   DA  A "C2'" 1 
ATOM   111 C "C1'" . DA  A 1 6  ? -0.049  -2.707  -5.344  1.00 25.21 ? 6   DA  A "C1'" 1 
ATOM   112 N N9    . DA  A 1 6  ? -0.049  -2.432  -3.947  1.00 20.84 ? 6   DA  A N9    1 
ATOM   113 C C8    . DA  A 1 6  ? 0.754   -3.124  -3.080  1.00 21.80 ? 6   DA  A C8    1 
ATOM   114 N N7    . DA  A 1 6  ? 0.629   -2.772  -1.834  1.00 21.90 ? 6   DA  A N7    1 
ATOM   115 C C5    . DA  A 1 6  ? -0.289  -1.744  -1.867  1.00 22.67 ? 6   DA  A C5    1 
ATOM   116 C C6    . DA  A 1 6  ? -0.876  -0.971  -0.838  1.00 22.06 ? 6   DA  A C6    1 
ATOM   117 N N6    . DA  A 1 6  ? -0.572  -1.074  0.461   1.00 25.08 ? 6   DA  A N6    1 
ATOM   118 N N1    . DA  A 1 6  ? -1.811  -0.086  -1.193  1.00 20.51 ? 6   DA  A N1    1 
ATOM   119 C C2    . DA  A 1 6  ? -2.130  0.002   -2.484  1.00 22.10 ? 6   DA  A C2    1 
ATOM   120 N N3    . DA  A 1 6  ? -1.675  -0.663  -3.538  1.00 22.11 ? 6   DA  A N3    1 
ATOM   121 C C4    . DA  A 1 6  ? -0.758  -1.572  -3.158  1.00 21.66 ? 6   DA  A C4    1 
ATOM   122 P P     . DT  A 1 7  ? 1.256   -2.022  -9.122  1.00 35.51 ? 7   DT  A P     1 
ATOM   123 O OP1   . DT  A 1 7  ? 0.878   -2.268  -10.510 1.00 36.92 ? 7   DT  A OP1   1 
ATOM   124 O OP2   . DT  A 1 7  ? 2.587   -2.473  -8.601  1.00 29.64 ? 7   DT  A OP2   1 
ATOM   125 O "O5'" . DT  A 1 7  ? 0.891   -0.544  -8.601  1.00 30.45 ? 7   DT  A "O5'" 1 
ATOM   126 C "C5'" . DT  A 1 7  ? -0.536  -0.219  -8.612  1.00 28.18 ? 7   DT  A "C5'" 1 
ATOM   127 C "C4'" . DT  A 1 7  ? -0.668  1.047   -7.790  1.00 24.35 ? 7   DT  A "C4'" 1 
ATOM   128 O "O4'" . DT  A 1 7  ? -0.304  0.776   -6.451  1.00 21.06 ? 7   DT  A "O4'" 1 
ATOM   129 C "C3'" . DT  A 1 7  ? 0.242   2.167   -8.299  1.00 22.03 ? 7   DT  A "C3'" 1 
ATOM   130 O "O3'" . DT  A 1 7  ? -0.526  3.275   -8.706  1.00 23.79 ? 7   DT  A "O3'" 1 
ATOM   131 C "C2'" . DT  A 1 7  ? 1.135   2.506   -7.103  1.00 20.94 ? 7   DT  A "C2'" 1 
ATOM   132 C "C1'" . DT  A 1 7  ? 0.248   2.029   -5.931  1.00 22.08 ? 7   DT  A "C1'" 1 
ATOM   133 N N1    . DT  A 1 7  ? 0.805   1.595   -4.761  1.00 21.45 ? 7   DT  A N1    1 
ATOM   134 C C2    . DT  A 1 7  ? 0.358   2.162   -3.585  1.00 19.54 ? 7   DT  A C2    1 
ATOM   135 O O2    . DT  A 1 7  ? -0.473  3.040   -3.517  1.00 20.67 ? 7   DT  A O2    1 
ATOM   136 N N3    . DT  A 1 7  ? 0.945   1.681   -2.443  1.00 20.58 ? 7   DT  A N3    1 
ATOM   137 C C4    . DT  A 1 7  ? 1.932   0.723   -2.362  1.00 21.06 ? 7   DT  A C4    1 
ATOM   138 O O4    . DT  A 1 7  ? 2.337   0.403   -1.253  1.00 21.76 ? 7   DT  A O4    1 
ATOM   139 C C5    . DT  A 1 7  ? 2.342   0.180   -3.635  1.00 21.67 ? 7   DT  A C5    1 
ATOM   140 C C7    . DT  A 1 7  ? 3.423   -0.897  -3.699  1.00 25.29 ? 7   DT  A C7    1 
ATOM   141 C C6    . DT  A 1 7  ? 1.760   0.612   -4.756  1.00 20.44 ? 7   DT  A C6    1 
ATOM   142 P P     . DT  A 1 8  ? 0.042   4.605   -9.380  1.00 26.01 ? 8   DT  A P     1 
ATOM   143 O OP1   . DT  A 1 8  ? -1.086  5.041   -10.232 1.00 30.37 ? 8   DT  A OP1   1 
ATOM   144 O OP2   . DT  A 1 8  ? 1.348   4.279   -10.009 1.00 21.47 ? 8   DT  A OP2   1 
ATOM   145 O "O5'" . DT  A 1 8  ? 0.271   5.665   -8.187  1.00 24.12 ? 8   DT  A "O5'" 1 
ATOM   146 C "C5'" . DT  A 1 8  ? -0.855  5.956   -7.334  1.00 22.31 ? 8   DT  A "C5'" 1 
ATOM   147 C "C4'" . DT  A 1 8  ? -0.295  6.588   -6.071  1.00 21.06 ? 8   DT  A "C4'" 1 
ATOM   148 O "O4'" . DT  A 1 8  ? 0.479   5.675   -5.337  1.00 18.39 ? 8   DT  A "O4'" 1 
ATOM   149 C "C3'" . DT  A 1 8  ? 0.591   7.810   -6.325  1.00 20.41 ? 8   DT  A "C3'" 1 
ATOM   150 O "O3'" . DT  A 1 8  ? -0.153  9.028   -6.176  1.00 18.94 ? 8   DT  A "O3'" 1 
ATOM   151 C "C2'" . DT  A 1 8  ? 1.720   7.659   -5.318  1.00 22.86 ? 8   DT  A "C2'" 1 
ATOM   152 C "C1'" . DT  A 1 8  ? 1.343   6.484   -4.447  1.00 18.97 ? 8   DT  A "C1'" 1 
ATOM   153 N N1    . DT  A 1 8  ? 2.222   5.529   -4.040  1.00 17.32 ? 8   DT  A N1    1 
ATOM   154 C C2    . DT  A 1 8  ? 2.385   5.349   -2.677  1.00 15.79 ? 8   DT  A C2    1 
ATOM   155 O O2    . DT  A 1 8  ? 1.788   6.043   -1.874  1.00 21.23 ? 8   DT  A O2    1 
ATOM   156 N N3    . DT  A 1 8  ? 3.291   4.382   -2.350  1.00 14.32 ? 8   DT  A N3    1 
ATOM   157 C C4    . DT  A 1 8  ? 3.990   3.533   -3.188  1.00 14.59 ? 8   DT  A C4    1 
ATOM   158 O O4    . DT  A 1 8  ? 4.751   2.697   -2.718  1.00 21.29 ? 8   DT  A O4    1 
ATOM   159 C C5    . DT  A 1 8  ? 3.913   3.915   -4.579  1.00 16.04 ? 8   DT  A C5    1 
ATOM   160 C C7    . DT  A 1 8  ? 4.436   2.952   -5.642  1.00 22.75 ? 8   DT  A C7    1 
ATOM   161 C C6    . DT  A 1 8  ? 2.968   4.795   -4.924  1.00 15.00 ? 8   DT  A C6    1 
ATOM   162 P P     . DG  A 1 9  ? 0.343   10.512  -6.275  1.00 23.12 ? 9   DG  A P     1 
ATOM   163 O OP1   . DG  A 1 9  ? -0.870  11.362  -6.308  1.00 25.73 ? 9   DG  A OP1   1 
ATOM   164 O OP2   . DG  A 1 9  ? 1.233   10.762  -7.459  1.00 26.71 ? 9   DG  A OP2   1 
ATOM   165 O "O5'" . DG  A 1 9  ? 1.212   10.771  -4.930  1.00 22.16 ? 9   DG  A "O5'" 1 
ATOM   166 C "C5'" . DG  A 1 9  ? 0.419   10.984  -3.733  1.00 22.20 ? 9   DG  A "C5'" 1 
ATOM   167 C "C4'" . DG  A 1 9  ? 1.413   11.223  -2.614  1.00 21.67 ? 9   DG  A "C4'" 1 
ATOM   168 O "O4'" . DG  A 1 9  ? 2.140   10.071  -2.277  1.00 20.91 ? 9   DG  A "O4'" 1 
ATOM   169 C "C3'" . DG  A 1 9  ? 2.384   12.360  -2.854  1.00 21.47 ? 9   DG  A "C3'" 1 
ATOM   170 O "O3'" . DG  A 1 9  ? 2.213   13.324  -1.816  1.00 23.94 ? 9   DG  A "O3'" 1 
ATOM   171 C "C2'" . DG  A 1 9  ? 3.764   11.694  -2.765  1.00 21.57 ? 9   DG  A "C2'" 1 
ATOM   172 C "C1'" . DG  A 1 9  ? 3.505   10.471  -1.928  1.00 19.35 ? 9   DG  A "C1'" 1 
ATOM   173 N N9    . DG  A 1 9  ? 4.262   9.296   -2.249  1.00 16.86 ? 9   DG  A N9    1 
ATOM   174 C C8    . DG  A 1 9  ? 4.581   8.692   -3.445  1.00 18.58 ? 9   DG  A C8    1 
ATOM   175 N N7    . DG  A 1 9  ? 5.227   7.576   -3.306  1.00 18.22 ? 9   DG  A N7    1 
ATOM   176 C C5    . DG  A 1 9  ? 5.382   7.482   -1.920  1.00 17.40 ? 9   DG  A C5    1 
ATOM   177 C C6    . DG  A 1 9  ? 6.039   6.505   -1.158  1.00 16.19 ? 9   DG  A C6    1 
ATOM   178 O O6    . DG  A 1 9  ? 6.608   5.503   -1.556  1.00 15.78 ? 9   DG  A O6    1 
ATOM   179 N N1    . DG  A 1 9  ? 5.891   6.756   0.216   1.00 17.39 ? 9   DG  A N1    1 
ATOM   180 C C2    . DG  A 1 9  ? 5.244   7.821   0.790   1.00 15.36 ? 9   DG  A C2    1 
ATOM   181 N N2    . DG  A 1 9  ? 5.250   7.860   2.166   1.00 15.42 ? 9   DG  A N2    1 
ATOM   182 N N3    . DG  A 1 9  ? 4.647   8.757   0.087   1.00 14.61 ? 9   DG  A N3    1 
ATOM   183 C C4    . DG  A 1 9  ? 4.766   8.505   -1.256  1.00 16.93 ? 9   DG  A C4    1 
ATOM   184 P P     . DG  A 1 10 ? 3.026   14.724  -1.878  1.00 30.15 ? 10  DG  A P     1 
ATOM   185 O OP1   . DG  A 1 10 ? 2.033   15.629  -1.244  1.00 35.92 ? 10  DG  A OP1   1 
ATOM   186 O OP2   . DG  A 1 10 ? 3.339   15.075  -3.276  1.00 31.28 ? 10  DG  A OP2   1 
ATOM   187 O "O5'" . DG  A 1 10 ? 4.299   14.388  -0.973  1.00 32.17 ? 10  DG  A "O5'" 1 
ATOM   188 C "C5'" . DG  A 1 10 ? 4.131   14.298  0.461   1.00 31.26 ? 10  DG  A "C5'" 1 
ATOM   189 C "C4'" . DG  A 1 10 ? 5.414   13.768  1.062   1.00 27.66 ? 10  DG  A "C4'" 1 
ATOM   190 O "O4'" . DG  A 1 10 ? 5.632   12.447  0.590   1.00 23.20 ? 10  DG  A "O4'" 1 
ATOM   191 C "C3'" . DG  A 1 10 ? 6.692   14.507  0.766   1.00 28.80 ? 10  DG  A "C3'" 1 
ATOM   192 O "O3'" . DG  A 1 10 ? 7.125   15.385  1.819   1.00 26.83 ? 10  DG  A "O3'" 1 
ATOM   193 C "C2'" . DG  A 1 10 ? 7.762   13.428  0.656   1.00 25.75 ? 10  DG  A "C2'" 1 
ATOM   194 C "C1'" . DG  A 1 10 ? 6.996   12.113  0.776   1.00 22.18 ? 10  DG  A "C1'" 1 
ATOM   195 N N9    . DG  A 1 10 ? 7.399   11.175  -0.243  1.00 20.68 ? 10  DG  A N9    1 
ATOM   196 C C8    . DG  A 1 10 ? 7.360   11.157  -1.624  1.00 19.27 ? 10  DG  A C8    1 
ATOM   197 N N7    . DG  A 1 10 ? 7.888   10.075  -2.146  1.00 17.31 ? 10  DG  A N7    1 
ATOM   198 C C5    . DG  A 1 10 ? 8.297   9.341   -1.033  1.00 20.26 ? 10  DG  A C5    1 
ATOM   199 C C6    . DG  A 1 10 ? 8.950   8.092   -0.924  1.00 19.75 ? 10  DG  A C6    1 
ATOM   200 O O6    . DG  A 1 10 ? 9.274   7.328   -1.859  1.00 19.94 ? 10  DG  A O6    1 
ATOM   201 N N1    . DG  A 1 10 ? 9.178   7.708   0.406   1.00 17.14 ? 10  DG  A N1    1 
ATOM   202 C C2    . DG  A 1 10 ? 8.843   8.470   1.499   1.00 19.01 ? 10  DG  A C2    1 
ATOM   203 N N2    . DG  A 1 10 ? 9.135   7.958   2.712   1.00 17.58 ? 10  DG  A N2    1 
ATOM   204 N N3    . DG  A 1 10 ? 8.234   9.643   1.421   1.00 20.39 ? 10  DG  A N3    1 
ATOM   205 C C4    . DG  A 1 10 ? 7.994   10.007  0.141   1.00 21.64 ? 10  DG  A C4    1 
ATOM   206 O "O5'" . DG  B 1 1  ? 18.170  1.129   -8.736  1.00 48.85 ? 21  DG  B "O5'" 1 
ATOM   207 C "C5'" . DG  B 1 1  ? 19.247  1.280   -7.767  1.00 42.25 ? 21  DG  B "C5'" 1 
ATOM   208 C "C4'" . DG  B 1 1  ? 18.603  1.505   -6.410  1.00 40.80 ? 21  DG  B "C4'" 1 
ATOM   209 O "O4'" . DG  B 1 1  ? 18.232  2.858   -6.253  1.00 37.75 ? 21  DG  B "O4'" 1 
ATOM   210 C "C3'" . DG  B 1 1  ? 17.365  0.640   -6.168  1.00 40.23 ? 21  DG  B "C3'" 1 
ATOM   211 O "O3'" . DG  B 1 1  ? 17.445  -0.135  -4.973  1.00 43.71 ? 21  DG  B "O3'" 1 
ATOM   212 C "C2'" . DG  B 1 1  ? 16.218  1.624   -6.200  1.00 36.31 ? 21  DG  B "C2'" 1 
ATOM   213 C "C1'" . DG  B 1 1  ? 16.868  2.934   -5.793  1.00 34.27 ? 21  DG  B "C1'" 1 
ATOM   214 N N9    . DG  B 1 1  ? 16.282  4.097   -6.403  1.00 26.75 ? 21  DG  B N9    1 
ATOM   215 C C8    . DG  B 1 1  ? 15.871  4.411   -7.657  1.00 26.55 ? 21  DG  B C8    1 
ATOM   216 N N7    . DG  B 1 1  ? 15.390  5.629   -7.776  1.00 26.85 ? 21  DG  B N7    1 
ATOM   217 C C5    . DG  B 1 1  ? 15.528  6.136   -6.481  1.00 24.21 ? 21  DG  B C5    1 
ATOM   218 C C6    . DG  B 1 1  ? 15.186  7.407   -5.974  1.00 22.40 ? 21  DG  B C6    1 
ATOM   219 O O6    . DG  B 1 1  ? 14.653  8.332   -6.587  1.00 22.77 ? 21  DG  B O6    1 
ATOM   220 N N1    . DG  B 1 1  ? 15.479  7.502   -4.612  1.00 22.30 ? 21  DG  B N1    1 
ATOM   221 C C2    . DG  B 1 1  ? 16.036  6.513   -3.843  1.00 23.87 ? 21  DG  B C2    1 
ATOM   222 N N2    . DG  B 1 1  ? 16.258  6.783   -2.537  1.00 28.06 ? 21  DG  B N2    1 
ATOM   223 N N3    . DG  B 1 1  ? 16.352  5.322   -4.307  1.00 24.00 ? 21  DG  B N3    1 
ATOM   224 C C4    . DG  B 1 1  ? 16.050  5.219   -5.633  1.00 24.38 ? 21  DG  B C4    1 
ATOM   225 P P     . DG  B 1 2  ? 16.459  -1.358  -4.637  1.00 42.51 ? 22  DG  B P     1 
ATOM   226 O OP1   . DG  B 1 2  ? 17.312  -2.559  -4.807  1.00 48.64 ? 22  DG  B OP1   1 
ATOM   227 O OP2   . DG  B 1 2  ? 15.289  -1.397  -5.575  1.00 40.79 ? 22  DG  B OP2   1 
ATOM   228 O "O5'" . DG  B 1 2  ? 15.966  -1.064  -3.153  1.00 39.91 ? 22  DG  B "O5'" 1 
ATOM   229 C "C5'" . DG  B 1 2  ? 16.806  -0.461  -2.159  1.00 37.29 ? 22  DG  B "C5'" 1 
ATOM   230 C "C4'" . DG  B 1 2  ? 15.924  0.384   -1.261  1.00 35.27 ? 22  DG  B "C4'" 1 
ATOM   231 O "O4'" . DG  B 1 2  ? 15.644  1.625   -1.890  1.00 31.79 ? 22  DG  B "O4'" 1 
ATOM   232 C "C3'" . DG  B 1 2  ? 14.585  -0.215  -0.859  1.00 36.22 ? 22  DG  B "C3'" 1 
ATOM   233 O "O3'" . DG  B 1 2  ? 14.255  0.052   0.512   1.00 38.51 ? 22  DG  B "O3'" 1 
ATOM   234 C "C2'" . DG  B 1 2  ? 13.603  0.504   -1.795  1.00 33.45 ? 22  DG  B "C2'" 1 
ATOM   235 C "C1'" . DG  B 1 2  ? 14.248  1.898   -1.776  1.00 31.92 ? 22  DG  B "C1'" 1 
ATOM   236 N N9    . DG  B 1 2  ? 13.807  2.758   -2.837  1.00 27.78 ? 22  DG  B N9    1 
ATOM   237 C C8    . DG  B 1 2  ? 13.502  2.595   -4.153  1.00 27.23 ? 22  DG  B C8    1 
ATOM   238 N N7    . DG  B 1 2  ? 13.079  3.692   -4.740  1.00 24.01 ? 22  DG  B N7    1 
ATOM   239 C C5    . DG  B 1 2  ? 13.032  4.622   -3.713  1.00 21.60 ? 22  DG  B C5    1 
ATOM   240 C C6    . DG  B 1 2  ? 12.654  5.981   -3.741  1.00 22.66 ? 22  DG  B C6    1 
ATOM   241 O O6    . DG  B 1 2  ? 12.247  6.669   -4.693  1.00 19.17 ? 22  DG  B O6    1 
ATOM   242 N N1    . DG  B 1 2  ? 12.807  6.585   -2.488  1.00 21.28 ? 22  DG  B N1    1 
ATOM   243 C C2    . DG  B 1 2  ? 13.254  5.916   -1.367  1.00 21.12 ? 22  DG  B C2    1 
ATOM   244 N N2    . DG  B 1 2  ? 13.324  6.662   -0.253  1.00 15.88 ? 22  DG  B N2    1 
ATOM   245 N N3    . DG  B 1 2  ? 13.615  4.637   -1.333  1.00 21.49 ? 22  DG  B N3    1 
ATOM   246 C C4    . DG  B 1 2  ? 13.501  4.070   -2.554  1.00 22.28 ? 22  DG  B C4    1 
ATOM   247 P P     . DC  B 1 3  ? 13.678  -1.063  1.503   1.00 39.50 ? 23  DC  B P     1 
ATOM   248 O OP1   . DC  B 1 3  ? 14.865  -1.898  1.832   1.00 41.16 ? 23  DC  B OP1   1 
ATOM   249 O OP2   . DC  B 1 3  ? 12.524  -1.803  0.956   1.00 43.42 ? 23  DC  B OP2   1 
ATOM   250 O "O5'" . DC  B 1 3  ? 13.216  -0.190  2.784   1.00 35.93 ? 23  DC  B "O5'" 1 
ATOM   251 C "C5'" . DC  B 1 3  ? 14.318  0.548   3.397   1.00 31.66 ? 23  DC  B "C5'" 1 
ATOM   252 C "C4'" . DC  B 1 3  ? 13.657  1.691   4.127   1.00 28.69 ? 23  DC  B "C4'" 1 
ATOM   253 O "O4'" . DC  B 1 3  ? 13.321  2.712   3.234   1.00 25.79 ? 23  DC  B "O4'" 1 
ATOM   254 C "C3'" . DC  B 1 3  ? 12.384  1.303   4.891   1.00 31.62 ? 23  DC  B "C3'" 1 
ATOM   255 O "O3'" . DC  B 1 3  ? 12.497  1.783   6.241   1.00 35.51 ? 23  DC  B "O3'" 1 
ATOM   256 C "C2'" . DC  B 1 3  ? 11.256  1.957   4.113   1.00 29.71 ? 23  DC  B "C2'" 1 
ATOM   257 C "C1'" . DC  B 1 3  ? 11.940  3.123   3.407   1.00 26.94 ? 23  DC  B "C1'" 1 
ATOM   258 N N1    . DC  B 1 3  ? 11.418  3.426   2.066   1.00 23.07 ? 23  DC  B N1    1 
ATOM   259 C C2    . DC  B 1 3  ? 10.924  4.706   1.867   1.00 23.10 ? 23  DC  B C2    1 
ATOM   260 O O2    . DC  B 1 3  ? 10.966  5.541   2.788   1.00 22.46 ? 23  DC  B O2    1 
ATOM   261 N N3    . DC  B 1 3  ? 10.378  5.031   0.659   1.00 19.20 ? 23  DC  B N3    1 
ATOM   262 C C4    . DC  B 1 3  ? 10.407  4.160   -0.333  1.00 19.17 ? 23  DC  B C4    1 
ATOM   263 N N4    . DC  B 1 3  ? 9.952   4.603   -1.534  1.00 15.31 ? 23  DC  B N4    1 
ATOM   264 C C5    . DC  B 1 3  ? 10.941  2.850   -0.160  1.00 20.09 ? 23  DC  B C5    1 
ATOM   265 C C6    . DC  B 1 3  ? 11.422  2.498   1.054   1.00 21.05 ? 23  DC  B C6    1 
ATOM   266 P P     . DC  B 1 4  ? 11.599  1.175   7.444   1.00 36.96 ? 24  DC  B P     1 
ATOM   267 O OP1   . DC  B 1 4  ? 12.465  1.436   8.611   1.00 37.97 ? 24  DC  B OP1   1 
ATOM   268 O OP2   . DC  B 1 4  ? 11.272  -0.260  7.166   1.00 31.32 ? 24  DC  B OP2   1 
ATOM   269 O "O5'" . DC  B 1 4  ? 10.276  2.072   7.404   1.00 33.25 ? 24  DC  B "O5'" 1 
ATOM   270 C "C5'" . DC  B 1 4  ? 10.354  3.486   7.706   1.00 28.14 ? 24  DC  B "C5'" 1 
ATOM   271 C "C4'" . DC  B 1 4  ? 9.025   4.085   7.294   1.00 24.74 ? 24  DC  B "C4'" 1 
ATOM   272 O "O4'" . DC  B 1 4  ? 8.965   4.217   5.900   1.00 23.77 ? 24  DC  B "O4'" 1 
ATOM   273 C "C3'" . DC  B 1 4  ? 7.787   3.289   7.702   1.00 26.74 ? 24  DC  B "C3'" 1 
ATOM   274 O "O3'" . DC  B 1 4  ? 7.000   4.022   8.622   1.00 27.67 ? 24  DC  B "O3'" 1 
ATOM   275 C "C2'" . DC  B 1 4  ? 7.020   3.068   6.399   1.00 27.87 ? 24  DC  B "C2'" 1 
ATOM   276 C "C1'" . DC  B 1 4  ? 7.575   4.193   5.516   1.00 26.86 ? 24  DC  B "C1'" 1 
ATOM   277 N N1    . DC  B 1 4  ? 7.512   3.894   4.079   1.00 26.00 ? 24  DC  B N1    1 
ATOM   278 C C2    . DC  B 1 4  ? 7.034   4.912   3.257   1.00 23.57 ? 24  DC  B C2    1 
ATOM   279 O O2    . DC  B 1 4  ? 6.637   5.981   3.726   1.00 22.48 ? 24  DC  B O2    1 
ATOM   280 N N3    . DC  B 1 4  ? 7.004   4.656   1.936   1.00 22.64 ? 24  DC  B N3    1 
ATOM   281 C C4    . DC  B 1 4  ? 7.368   3.478   1.448   1.00 24.45 ? 24  DC  B C4    1 
ATOM   282 N N4    . DC  B 1 4  ? 7.261   3.302   0.111   1.00 23.07 ? 24  DC  B N4    1 
ATOM   283 C C5    . DC  B 1 4  ? 7.813   2.411   2.288   1.00 25.64 ? 24  DC  B C5    1 
ATOM   284 C C6    . DC  B 1 4  ? 7.828   2.648   3.598   1.00 24.91 ? 24  DC  B C6    1 
ATOM   285 P P     . DA  B 1 5  ? 5.711   3.410   9.365   1.00 30.85 ? 25  DA  B P     1 
ATOM   286 O OP1   . DA  B 1 5  ? 5.821   3.989   10.727  1.00 34.27 ? 25  DA  B OP1   1 
ATOM   287 O OP2   . DA  B 1 5  ? 5.641   1.943   9.271   1.00 23.12 ? 25  DA  B OP2   1 
ATOM   288 O "O5'" . DA  B 1 5  ? 4.496   4.080   8.554   1.00 29.63 ? 25  DA  B "O5'" 1 
ATOM   289 C "C5'" . DA  B 1 5  ? 4.478   5.507   8.344   1.00 28.69 ? 25  DA  B "C5'" 1 
ATOM   290 C "C4'" . DA  B 1 5  ? 3.349   5.715   7.345   1.00 29.51 ? 25  DA  B "C4'" 1 
ATOM   291 O "O4'" . DA  B 1 5  ? 3.751   5.375   6.025   1.00 29.55 ? 25  DA  B "O4'" 1 
ATOM   292 C "C3'" . DA  B 1 5  ? 2.099   4.863   7.631   1.00 28.61 ? 25  DA  B "C3'" 1 
ATOM   293 O "O3'" . DA  B 1 5  ? 0.935   5.546   7.198   1.00 30.86 ? 25  DA  B "O3'" 1 
ATOM   294 C "C2'" . DA  B 1 5  ? 2.329   3.654   6.717   1.00 29.86 ? 25  DA  B "C2'" 1 
ATOM   295 C "C1'" . DA  B 1 5  ? 2.777   4.497   5.464   1.00 28.88 ? 25  DA  B "C1'" 1 
ATOM   296 N N9    . DA  B 1 5  ? 3.343   3.796   4.375   1.00 27.31 ? 25  DA  B N9    1 
ATOM   297 C C8    . DA  B 1 5  ? 3.889   2.539   4.503   1.00 23.99 ? 25  DA  B C8    1 
ATOM   298 N N7    . DA  B 1 5  ? 4.307   2.055   3.348   1.00 23.35 ? 25  DA  B N7    1 
ATOM   299 C C5    . DA  B 1 5  ? 3.972   3.003   2.415   1.00 23.24 ? 25  DA  B C5    1 
ATOM   300 C C6    . DA  B 1 5  ? 4.123   3.088   1.010   1.00 22.01 ? 25  DA  B C6    1 
ATOM   301 N N6    . DA  B 1 5  ? 4.703   2.133   0.281   1.00 22.03 ? 25  DA  B N6    1 
ATOM   302 N N1    . DA  B 1 5  ? 3.686   4.212   0.413   1.00 21.98 ? 25  DA  B N1    1 
ATOM   303 C C2    . DA  B 1 5  ? 3.107   5.171   1.123   1.00 22.47 ? 25  DA  B C2    1 
ATOM   304 N N3    . DA  B 1 5  ? 2.899   5.195   2.444   1.00 25.38 ? 25  DA  B N3    1 
ATOM   305 C C4    . DA  B 1 5  ? 3.377   4.094   3.023   1.00 25.25 ? 25  DA  B C4    1 
ATOM   306 P P     . DA  B 1 6  ? -0.441  5.640   8.023   1.00 33.07 ? 26  DA  B P     1 
ATOM   307 O OP1   . DA  B 1 6  ? -0.064  6.333   9.267   1.00 28.83 ? 26  DA  B OP1   1 
ATOM   308 O OP2   . DA  B 1 6  ? -0.965  4.264   8.258   1.00 38.78 ? 26  DA  B OP2   1 
ATOM   309 O "O5'" . DA  B 1 6  ? -1.325  6.460   6.980   1.00 30.11 ? 26  DA  B "O5'" 1 
ATOM   310 C "C5'" . DA  B 1 6  ? -0.796  7.730   6.523   1.00 28.34 ? 26  DA  B "C5'" 1 
ATOM   311 C "C4'" . DA  B 1 6  ? -1.356  7.970   5.143   1.00 26.75 ? 26  DA  B "C4'" 1 
ATOM   312 O "O4'" . DA  B 1 6  ? -0.715  7.079   4.242   1.00 24.69 ? 26  DA  B "O4'" 1 
ATOM   313 C "C3'" . DA  B 1 6  ? -2.871  7.754   5.015   1.00 27.93 ? 26  DA  B "C3'" 1 
ATOM   314 O "O3'" . DA  B 1 6  ? -3.466  8.696   4.140   1.00 32.04 ? 26  DA  B "O3'" 1 
ATOM   315 C "C2'" . DA  B 1 6  ? -2.906  6.292   4.553   1.00 27.15 ? 26  DA  B "C2'" 1 
ATOM   316 C "C1'" . DA  B 1 6  ? -1.707  6.251   3.578   1.00 25.36 ? 26  DA  B "C1'" 1 
ATOM   317 N N9    . DA  B 1 6  ? -1.023  5.028   3.311   1.00 22.85 ? 26  DA  B N9    1 
ATOM   318 C C8    . DA  B 1 6  ? -0.696  4.104   4.258   1.00 24.40 ? 26  DA  B C8    1 
ATOM   319 N N7    . DA  B 1 6  ? -0.115  3.037   3.767   1.00 25.94 ? 26  DA  B N7    1 
ATOM   320 C C5    . DA  B 1 6  ? -0.090  3.239   2.404   1.00 23.07 ? 26  DA  B C5    1 
ATOM   321 C C6    . DA  B 1 6  ? 0.420   2.497   1.319   1.00 20.74 ? 26  DA  B C6    1 
ATOM   322 N N6    . DA  B 1 6  ? 1.030   1.320   1.382   1.00 19.35 ? 26  DA  B N6    1 
ATOM   323 N N1    . DA  B 1 6  ? 0.271   3.037   0.102   1.00 20.30 ? 26  DA  B N1    1 
ATOM   324 C C2    . DA  B 1 6  ? -0.319  4.229   -0.035  1.00 19.18 ? 26  DA  B C2    1 
ATOM   325 N N3    . DA  B 1 6  ? -0.830  5.016   0.900   1.00 20.13 ? 26  DA  B N3    1 
ATOM   326 C C4    . DA  B 1 6  ? -0.655  4.454   2.105   1.00 22.37 ? 26  DA  B C4    1 
ATOM   327 P P     . DT  B 1 7  ? -5.006  8.810   3.656   1.00 32.26 ? 27  DT  B P     1 
ATOM   328 O OP1   . DT  B 1 7  ? -5.211  10.248  3.394   1.00 28.88 ? 27  DT  B OP1   1 
ATOM   329 O OP2   . DT  B 1 7  ? -5.882  8.179   4.680   1.00 30.30 ? 27  DT  B OP2   1 
ATOM   330 O "O5'" . DT  B 1 7  ? -4.993  7.967   2.286   1.00 27.71 ? 27  DT  B "O5'" 1 
ATOM   331 C "C5'" . DT  B 1 7  ? -4.373  8.642   1.144   1.00 26.22 ? 27  DT  B "C5'" 1 
ATOM   332 C "C4'" . DT  B 1 7  ? -4.472  7.620   0.018   1.00 23.83 ? 27  DT  B "C4'" 1 
ATOM   333 O "O4'" . DT  B 1 7  ? -3.848  6.400   0.347   1.00 23.05 ? 27  DT  B "O4'" 1 
ATOM   334 C "C3'" . DT  B 1 7  ? -5.941  7.302   -0.315  1.00 22.54 ? 27  DT  B "C3'" 1 
ATOM   335 O "O3'" . DT  B 1 7  ? -6.259  7.825   -1.592  1.00 26.17 ? 27  DT  B "O3'" 1 
ATOM   336 C "C2'" . DT  B 1 7  ? -6.046  5.794   -0.192  1.00 23.03 ? 27  DT  B "C2'" 1 
ATOM   337 C "C1'" . DT  B 1 7  ? -4.577  5.351   -0.383  1.00 23.21 ? 27  DT  B "C1'" 1 
ATOM   338 N N1    . DT  B 1 7  ? -4.119  4.226   0.221   1.00 24.53 ? 27  DT  B N1    1 
ATOM   339 C C2    . DT  B 1 7  ? -3.479  3.267   -0.533  1.00 25.30 ? 27  DT  B C2    1 
ATOM   340 O O2    . DT  B 1 7  ? -3.295  3.299   -1.747  1.00 19.90 ? 27  DT  B O2    1 
ATOM   341 N N3    . DT  B 1 7  ? -3.014  2.200   0.214   1.00 24.64 ? 27  DT  B N3    1 
ATOM   342 C C4    . DT  B 1 7  ? -3.239  1.941   1.541   1.00 23.94 ? 27  DT  B C4    1 
ATOM   343 O O4    . DT  B 1 7  ? -2.777  0.944   2.080   1.00 27.28 ? 27  DT  B O4    1 
ATOM   344 C C5    . DT  B 1 7  ? -3.896  2.996   2.264   1.00 22.45 ? 27  DT  B C5    1 
ATOM   345 C C7    . DT  B 1 7  ? -4.150  2.818   3.763   1.00 24.66 ? 27  DT  B C7    1 
ATOM   346 C C6    . DT  B 1 7  ? -4.239  4.088   1.596   1.00 23.03 ? 27  DT  B C6    1 
ATOM   347 P P     . DT  B 1 8  ? -7.693  7.683   -2.298  1.00 29.88 ? 28  DT  B P     1 
ATOM   348 O OP1   . DT  B 1 8  ? -7.777  8.850   -3.208  1.00 33.60 ? 28  DT  B OP1   1 
ATOM   349 O OP2   . DT  B 1 8  ? -8.781  7.694   -1.260  1.00 30.30 ? 28  DT  B OP2   1 
ATOM   350 O "O5'" . DT  B 1 8  ? -7.610  6.273   -3.034  1.00 28.85 ? 28  DT  B "O5'" 1 
ATOM   351 C "C5'" . DT  B 1 8  ? -6.581  6.091   -4.034  1.00 26.82 ? 28  DT  B "C5'" 1 
ATOM   352 C "C4'" . DT  B 1 8  ? -6.616  4.650   -4.470  1.00 24.26 ? 28  DT  B "C4'" 1 
ATOM   353 O "O4'" . DT  B 1 8  ? -6.183  3.801   -3.442  1.00 24.17 ? 28  DT  B "O4'" 1 
ATOM   354 C "C3'" . DT  B 1 8  ? -7.968  4.126   -4.978  1.00 24.65 ? 28  DT  B "C3'" 1 
ATOM   355 O "O3'" . DT  B 1 8  ? -7.845  3.636   -6.306  1.00 27.75 ? 28  DT  B "O3'" 1 
ATOM   356 C "C2'" . DT  B 1 8  ? -8.304  3.071   -3.939  1.00 24.33 ? 28  DT  B "C2'" 1 
ATOM   357 C "C1'" . DT  B 1 8  ? -6.905  2.548   -3.580  1.00 24.56 ? 28  DT  B "C1'" 1 
ATOM   358 N N1    . DT  B 1 8  ? -6.660  1.935   -2.387  1.00 24.81 ? 28  DT  B N1    1 
ATOM   359 C C2    . DT  B 1 8  ? -5.904  0.784   -2.379  1.00 23.59 ? 28  DT  B C2    1 
ATOM   360 O O2    . DT  B 1 8  ? -5.432  0.259   -3.368  1.00 24.35 ? 28  DT  B O2    1 
ATOM   361 N N3    . DT  B 1 8  ? -5.716  0.215   -1.149  1.00 25.43 ? 28  DT  B N3    1 
ATOM   362 C C4    . DT  B 1 8  ? -6.225  0.725   0.052   1.00 25.16 ? 28  DT  B C4    1 
ATOM   363 O O4    . DT  B 1 8  ? -5.982  0.096   1.066   1.00 29.70 ? 28  DT  B O4    1 
ATOM   364 C C5    . DT  B 1 8  ? -6.951  1.948   -0.026  1.00 24.62 ? 28  DT  B C5    1 
ATOM   365 C C7    . DT  B 1 8  ? -7.556  2.610   1.207   1.00 25.12 ? 28  DT  B C7    1 
ATOM   366 C C6    . DT  B 1 8  ? -7.178  2.498   -1.232  1.00 25.38 ? 28  DT  B C6    1 
ATOM   367 P P     . DG  B 1 9  ? -9.032  3.068   -7.236  1.00 31.03 ? 29  DG  B P     1 
ATOM   368 O OP1   . DG  B 1 9  ? -8.980  4.000   -8.400  1.00 28.87 ? 29  DG  B OP1   1 
ATOM   369 O OP2   . DG  B 1 9  ? -10.329 3.183   -6.506  1.00 27.45 ? 29  DG  B OP2   1 
ATOM   370 O "O5'" . DG  B 1 9  ? -8.624  1.601   -7.628  1.00 28.83 ? 29  DG  B "O5'" 1 
ATOM   371 C "C5'" . DG  B 1 9  ? -7.335  1.040   -7.388  1.00 30.59 ? 29  DG  B "C5'" 1 
ATOM   372 C "C4'" . DG  B 1 9  ? -7.241  -0.352  -7.936  1.00 26.41 ? 29  DG  B "C4'" 1 
ATOM   373 O "O4'" . DG  B 1 9  ? -7.082  -1.271  -6.892  1.00 25.96 ? 29  DG  B "O4'" 1 
ATOM   374 C "C3'" . DG  B 1 9  ? -8.428  -0.876  -8.764  1.00 27.98 ? 29  DG  B "C3'" 1 
ATOM   375 O "O3'" . DG  B 1 9  ? -7.940  -1.715  -9.814  1.00 31.63 ? 29  DG  B "O3'" 1 
ATOM   376 C "C2'" . DG  B 1 9  ? -9.265  -1.631  -7.759  1.00 25.22 ? 29  DG  B "C2'" 1 
ATOM   377 C "C1'" . DG  B 1 9  ? -8.323  -2.019  -6.654  1.00 25.02 ? 29  DG  B "C1'" 1 
ATOM   378 N N9    . DG  B 1 9  ? -8.668  -1.587  -5.323  1.00 23.54 ? 29  DG  B N9    1 
ATOM   379 C C8    . DG  B 1 9  ? -9.293  -0.462  -4.848  1.00 25.72 ? 29  DG  B C8    1 
ATOM   380 N N7    . DG  B 1 9  ? -9.318  -0.399  -3.555  1.00 26.10 ? 29  DG  B N7    1 
ATOM   381 C C5    . DG  B 1 9  ? -8.668  -1.547  -3.140  1.00 23.76 ? 29  DG  B C5    1 
ATOM   382 C C6    . DG  B 1 9  ? -8.396  -2.034  -1.838  1.00 24.46 ? 29  DG  B C6    1 
ATOM   383 O O6    . DG  B 1 9  ? -8.682  -1.499  -0.763  1.00 30.03 ? 29  DG  B O6    1 
ATOM   384 N N1    . DG  B 1 9  ? -7.677  -3.235  -1.837  1.00 23.04 ? 29  DG  B N1    1 
ATOM   385 C C2    . DG  B 1 9  ? -7.283  -3.873  -2.976  1.00 21.74 ? 29  DG  B C2    1 
ATOM   386 N N2    . DG  B 1 9  ? -6.597  -5.018  -2.839  1.00 20.15 ? 29  DG  B N2    1 
ATOM   387 N N3    . DG  B 1 9  ? -7.549  -3.433  -4.203  1.00 23.72 ? 29  DG  B N3    1 
ATOM   388 C C4    . DG  B 1 9  ? -8.229  -2.268  -4.226  1.00 23.02 ? 29  DG  B C4    1 
ATOM   389 P P     . DG  B 1 10 ? -8.841  -2.681  -10.707 1.00 32.70 ? 30  DG  B P     1 
ATOM   390 O OP1   . DG  B 1 10 ? -7.953  -3.054  -11.843 1.00 36.04 ? 30  DG  B OP1   1 
ATOM   391 O OP2   . DG  B 1 10 ? -10.099 -1.988  -11.053 1.00 30.53 ? 30  DG  B OP2   1 
ATOM   392 O "O5'" . DG  B 1 10 ? -9.159  -3.930  -9.754  1.00 30.40 ? 30  DG  B "O5'" 1 
ATOM   393 C "C5'" . DG  B 1 10 ? -8.204  -4.988  -9.574  1.00 29.07 ? 30  DG  B "C5'" 1 
ATOM   394 C "C4'" . DG  B 1 10 ? -8.854  -5.978  -8.632  1.00 27.03 ? 30  DG  B "C4'" 1 
ATOM   395 O "O4'" . DG  B 1 10 ? -9.001  -5.413  -7.346  1.00 26.92 ? 30  DG  B "O4'" 1 
ATOM   396 C "C3'" . DG  B 1 10 ? -10.234 -6.498  -9.039  1.00 23.23 ? 30  DG  B "C3'" 1 
ATOM   397 O "O3'" . DG  B 1 10 ? -10.195 -7.933  -9.105  1.00 24.17 ? 30  DG  B "O3'" 1 
ATOM   398 C "C2'" . DG  B 1 10 ? -11.154 -6.015  -7.920  1.00 23.72 ? 30  DG  B "C2'" 1 
ATOM   399 C "C1'" . DG  B 1 10 ? -10.166 -6.008  -6.721  1.00 21.55 ? 30  DG  B "C1'" 1 
ATOM   400 N N9    . DG  B 1 10 ? -10.574 -5.113  -5.681  1.00 18.29 ? 30  DG  B N9    1 
ATOM   401 C C8    . DG  B 1 10 ? -11.159 -3.854  -5.775  1.00 16.99 ? 30  DG  B C8    1 
ATOM   402 N N7    . DG  B 1 10 ? -11.351 -3.328  -4.610  1.00 17.31 ? 30  DG  B N7    1 
ATOM   403 C C5    . DG  B 1 10 ? -10.894 -4.280  -3.718  1.00 18.71 ? 30  DG  B C5    1 
ATOM   404 C C6    . DG  B 1 10 ? -10.900 -4.230  -2.293  1.00 21.42 ? 30  DG  B C6    1 
ATOM   405 O O6    . DG  B 1 10 ? -11.311 -3.281  -1.611  1.00 18.63 ? 30  DG  B O6    1 
ATOM   406 N N1    . DG  B 1 10 ? -10.344 -5.380  -1.734  1.00 23.13 ? 30  DG  B N1    1 
ATOM   407 C C2    . DG  B 1 10 ? -9.863  -6.448  -2.464  1.00 20.98 ? 30  DG  B C2    1 
ATOM   408 N N2    . DG  B 1 10 ? -9.354  -7.474  -1.754  1.00 20.96 ? 30  DG  B N2    1 
ATOM   409 N N3    . DG  B 1 10 ? -9.849  -6.492  -3.794  1.00 19.18 ? 30  DG  B N3    1 
ATOM   410 C C4    . DG  B 1 10 ? -10.389 -5.375  -4.359  1.00 18.11 ? 30  DG  B C4    1 
HETATM 411 C C1    . DMY C 2 .  ? -4.217  -6.195  -4.987  1.00 50.11 ? 31  DMY B C1    1 
HETATM 412 O O1    . DMY C 2 .  ? -4.732  -6.553  -3.939  1.00 61.10 ? 31  DMY B O1    1 
HETATM 413 N N1    . DMY C 2 .  ? -3.681  -4.977  -5.080  1.00 44.86 ? 31  DMY B N1    1 
HETATM 414 C C2    . DMY C 2 .  ? -3.826  -4.008  -6.020  1.00 40.28 ? 31  DMY B C2    1 
HETATM 415 C C3    . DMY C 2 .  ? -3.750  -2.617  -5.727  1.00 38.13 ? 31  DMY B C3    1 
HETATM 416 C C4    . DMY C 2 .  ? -3.980  -1.913  -6.898  1.00 37.24 ? 31  DMY B C4    1 
HETATM 417 N N2    . DMY C 2 .  ? -4.146  -2.877  -7.902  1.00 39.12 ? 31  DMY B N2    1 
HETATM 418 C C5    . DMY C 2 .  ? -4.113  -4.101  -7.348  1.00 39.56 ? 31  DMY B C5    1 
HETATM 419 C C6    . DMY C 2 .  ? -4.391  -2.717  -9.330  1.00 35.93 ? 31  DMY B C6    1 
HETATM 420 C C7    . DMY C 2 .  ? -3.879  -0.508  -7.231  1.00 32.94 ? 31  DMY B C7    1 
HETATM 421 O O2    . DMY C 2 .  ? -3.912  -0.122  -8.424  1.00 29.68 ? 31  DMY B O2    1 
HETATM 422 N N3    . DMY C 2 .  ? -3.747  0.359   -6.235  1.00 29.01 ? 31  DMY B N3    1 
HETATM 423 C C8    . DMY C 2 .  ? -3.794  1.779   -6.372  1.00 27.77 ? 31  DMY B C8    1 
HETATM 424 C C9    . DMY C 2 .  ? -3.449  2.701   -5.407  1.00 27.27 ? 31  DMY B C9    1 
HETATM 425 C C10   . DMY C 2 .  ? -3.645  3.954   -5.929  1.00 26.67 ? 31  DMY B C10   1 
HETATM 426 N N4    . DMY C 2 .  ? -4.085  3.815   -7.200  1.00 26.69 ? 31  DMY B N4    1 
HETATM 427 C C11   . DMY C 2 .  ? -4.189  2.483   -7.477  1.00 28.18 ? 31  DMY B C11   1 
HETATM 428 C C12   . DMY C 2 .  ? -4.407  4.856   -8.148  1.00 29.57 ? 31  DMY B C12   1 
HETATM 429 C C13   . DMY C 2 .  ? -3.405  5.304   -5.355  1.00 26.44 ? 31  DMY B C13   1 
HETATM 430 O O3    . DMY C 2 .  ? -3.766  6.365   -5.891  1.00 28.52 ? 31  DMY B O3    1 
HETATM 431 N N5    . DMY C 2 .  ? -2.762  5.346   -4.207  1.00 24.76 ? 31  DMY B N5    1 
HETATM 432 C C14   . DMY C 2 .  ? -2.564  6.574   -3.494  1.00 20.62 ? 31  DMY B C14   1 
HETATM 433 C C15   . DMY C 2 .  ? -1.725  6.574   -2.350  1.00 21.26 ? 31  DMY B C15   1 
HETATM 434 C C16   . DMY C 2 .  ? -1.724  7.850   -1.845  1.00 21.21 ? 31  DMY B C16   1 
HETATM 435 N N6    . DMY C 2 .  ? -2.544  8.613   -2.681  1.00 19.91 ? 31  DMY B N6    1 
HETATM 436 C C17   . DMY C 2 .  ? -3.040  7.828   -3.640  1.00 19.93 ? 31  DMY B C17   1 
HETATM 437 C C18   . DMY C 2 .  ? -2.935  10.011  -2.551  1.00 20.87 ? 31  DMY B C18   1 
HETATM 438 C C19   . DMY C 2 .  ? -0.890  8.575   -0.915  1.00 28.05 ? 31  DMY B C19   1 
HETATM 439 O O4    . DMY C 2 .  ? -1.209  9.630   -0.380  1.00 30.92 ? 31  DMY B O4    1 
HETATM 440 N N7    . DMY C 2 .  ? 0.292   7.980   -0.693  1.00 31.69 ? 31  DMY B N7    1 
HETATM 441 C C20   . DMY C 2 .  ? 1.137   8.445   0.440   1.00 32.60 ? 31  DMY B C20   1 
HETATM 442 C C21   . DMY C 2 .  ? 0.657   7.806   1.715   1.00 29.48 ? 31  DMY B C21   1 
HETATM 443 C C22   . DMY C 2 .  ? 1.364   8.448   2.904   1.00 31.21 ? 31  DMY B C22   1 
HETATM 444 N N8    . DMY C 2 .  ? 0.955   9.611   3.317   1.00 38.15 ? 31  DMY B N8    1 
HETATM 445 N N9    . DMY C 2 .  ? 2.362   7.797   3.466   1.00 21.71 ? 31  DMY B N9    1 
HETATM 446 O O     . HOH D 3 .  ? -9.831  -11.032 15.825  1.00 18.96 ? 101 HOH A O     1 
HETATM 447 O O     . HOH D 3 .  ? -12.144 -15.275 12.251  1.00 23.04 ? 103 HOH A O     1 
HETATM 448 O O     . HOH D 3 .  ? 4.141   -1.402  -0.061  1.00 36.05 ? 104 HOH A O     1 
HETATM 449 O O     . HOH D 3 .  ? -10.469 -11.465 12.991  1.00 21.82 ? 105 HOH A O     1 
HETATM 450 O O     . HOH D 3 .  ? -7.255  -9.788  15.690  1.00 26.85 ? 112 HOH A O     1 
HETATM 451 O O     . HOH D 3 .  ? -2.835  -11.374 6.451   1.00 40.66 ? 113 HOH A O     1 
HETATM 452 O O     . HOH D 3 .  ? -5.463  -20.820 10.447  1.00 37.19 ? 114 HOH A O     1 
HETATM 453 O O     . HOH D 3 .  ? -6.949  -8.481  13.292  1.00 42.70 ? 117 HOH A O     1 
HETATM 454 O O     . HOH D 3 .  ? -12.694 -21.555 5.642   1.00 56.35 ? 118 HOH A O     1 
HETATM 455 O O     . HOH D 3 .  ? -5.670  -16.749 8.236   1.00 40.24 ? 120 HOH A O     1 
HETATM 456 O O     . HOH D 3 .  ? -4.120  -17.586 10.556  1.00 36.34 ? 121 HOH A O     1 
HETATM 457 O O     . HOH D 3 .  ? -3.433  -5.390  5.881   1.00 41.99 ? 122 HOH A O     1 
HETATM 458 O O     . HOH D 3 .  ? -4.891  -20.682 12.667  1.00 43.08 ? 123 HOH A O     1 
HETATM 459 O O     . HOH D 3 .  ? 3.908   -0.436  -6.997  1.00 35.62 ? 125 HOH A O     1 
HETATM 460 O O     . HOH D 3 .  ? -5.854  -8.116  -1.972  1.00 48.35 ? 126 HOH A O     1 
HETATM 461 O O     . HOH D 3 .  ? -14.094 -9.650  7.148   1.00 32.30 ? 127 HOH A O     1 
HETATM 462 O O     . HOH D 3 .  ? -5.393  -10.855 9.550   1.00 27.83 ? 128 HOH A O     1 
HETATM 463 O O     . HOH D 3 .  ? 3.329   4.502   -8.786  1.00 36.93 ? 129 HOH A O     1 
HETATM 464 O O     . HOH D 3 .  ? -5.656  -6.429  8.880   1.00 46.96 ? 131 HOH A O     1 
HETATM 465 O O     . HOH D 3 .  ? -10.660 -10.105 -0.392  1.00 38.61 ? 132 HOH A O     1 
HETATM 466 O O     . HOH D 3 .  ? 9.358   15.479  2.613   1.00 29.29 ? 133 HOH A O     1 
HETATM 467 O O     . HOH D 3 .  ? -8.304  -15.214 5.999   1.00 34.17 ? 135 HOH A O     1 
HETATM 468 O O     . HOH D 3 .  ? 4.689   16.800  1.701   1.00 50.61 ? 136 HOH A O     1 
HETATM 469 O O     . HOH D 3 .  ? 5.667   15.158  -5.384  1.00 52.27 ? 138 HOH A O     1 
HETATM 470 O O     . HOH D 3 .  ? -2.804  3.666   -11.677 1.00 35.96 ? 139 HOH A O     1 
HETATM 471 O O     . HOH D 3 .  ? -3.232  5.888   -10.767 1.00 56.22 ? 142 HOH A O     1 
HETATM 472 O O     . HOH D 3 .  ? 3.206   14.282  -6.220  1.00 45.27 ? 160 HOH A O     1 
HETATM 473 O O     . HOH D 3 .  ? -1.268  -4.069  3.281   1.00 37.25 ? 164 HOH A O     1 
HETATM 474 O O     . HOH D 3 .  ? -8.691  -1.671  4.591   1.00 37.06 ? 165 HOH A O     1 
HETATM 475 O O     . HOH D 3 .  ? -6.997  -9.439  0.509   1.00 49.33 ? 167 HOH A O     1 
HETATM 476 O O     . HOH D 3 .  ? 1.976   -4.095  0.254   1.00 51.38 ? 173 HOH A O     1 
HETATM 477 O O     . HOH D 3 .  ? -2.636  12.404  -5.249  1.00 57.86 ? 174 HOH A O     1 
HETATM 478 O O     . HOH E 3 .  ? 12.207  3.672   -7.208  1.00 17.63 ? 102 HOH B O     1 
HETATM 479 O O     . HOH E 3 .  ? 4.166   1.266   7.155   1.00 53.83 ? 106 HOH B O     1 
HETATM 480 O O     . HOH E 3 .  ? 13.427  6.383   -9.365  1.00 33.16 ? 107 HOH B O     1 
HETATM 481 O O     . HOH E 3 .  ? -9.875  2.926   -11.143 1.00 31.50 ? 108 HOH B O     1 
HETATM 482 O O     . HOH E 3 .  ? 17.324  5.210   -0.762  1.00 40.55 ? 109 HOH B O     1 
HETATM 483 O O     . HOH E 3 .  ? 8.013   0.347   -0.811  1.00 34.00 ? 110 HOH B O     1 
HETATM 484 O O     . HOH E 3 .  ? -6.799  5.488   3.682   1.00 29.00 ? 111 HOH B O     1 
HETATM 485 O O     . HOH E 3 .  ? 10.622  6.499   5.544   1.00 32.95 ? 115 HOH B O     1 
HETATM 486 O O     . HOH E 3 .  ? -7.113  -7.682  -4.259  1.00 46.03 ? 116 HOH B O     1 
HETATM 487 O O     . HOH E 3 .  ? -9.576  5.558   0.013   1.00 54.99 ? 119 HOH B O     1 
HETATM 488 O O     . HOH E 3 .  ? 14.945  3.590   1.080   1.00 27.95 ? 124 HOH B O     1 
HETATM 489 O O     . HOH E 3 .  ? 3.383   9.249   6.083   1.00 44.31 ? 130 HOH B O     1 
HETATM 490 O O     . HOH E 3 .  ? 11.856  -2.544  5.318   1.00 39.95 ? 134 HOH B O     1 
HETATM 491 O O     . HOH E 3 .  ? 0.067   0.267   5.092   1.00 37.15 ? 137 HOH B O     1 
HETATM 492 O O     . HOH E 3 .  ? 12.513  -0.536  -5.612  1.00 44.84 ? 140 HOH B O     1 
HETATM 493 O O     . HOH E 3 .  ? -7.188  0.106   3.744   1.00 34.08 ? 141 HOH B O     1 
HETATM 494 O O     . HOH E 3 .  ? -4.663  -0.839  5.421   1.00 41.08 ? 143 HOH B O     1 
HETATM 495 O O     . HOH E 3 .  ? 1.932   10.169  7.609   1.00 44.28 ? 144 HOH B O     1 
HETATM 496 O O     . HOH E 3 .  ? 8.498   -2.661  -1.656  1.00 46.25 ? 145 HOH B O     1 
HETATM 497 O O     . HOH E 3 .  ? -3.636  3.727   7.274   1.00 43.28 ? 146 HOH B O     1 
HETATM 498 O O     . HOH E 3 .  ? 15.763  5.597   2.932   1.00 63.29 ? 147 HOH B O     1 
HETATM 499 O O     . HOH E 3 .  ? 13.250  1.359   -8.400  1.00 40.59 ? 148 HOH B O     1 
HETATM 500 O O     . HOH E 3 .  ? 4.842   -1.262  2.906   1.00 64.32 ? 149 HOH B O     1 
HETATM 501 O O     . HOH E 3 .  ? 19.950  -1.503  -4.649  1.00 49.62 ? 150 HOH B O     1 
HETATM 502 O O     . HOH E 3 .  ? 18.499  -2.288  -7.784  1.00 71.08 ? 151 HOH B O     1 
HETATM 503 O O     . HOH E 3 .  ? 10.697  -1.454  -4.113  1.00 40.71 ? 152 HOH B O     1 
HETATM 504 O O     . HOH E 3 .  ? -4.804  0.999   -10.251 1.00 50.68 ? 153 HOH B O     1 
HETATM 505 O O     . HOH E 3 .  ? -8.769  -8.616  -11.754 1.00 41.70 ? 154 HOH B O     1 
HETATM 506 O O     . HOH E 3 .  ? -6.519  11.171  -2.522  1.00 53.25 ? 155 HOH B O     1 
HETATM 507 O O     . HOH E 3 .  ? 10.306  -0.677  1.727   1.00 53.45 ? 156 HOH B O     1 
HETATM 508 O O     . HOH E 3 .  ? -10.060 8.731   -5.391  1.00 58.60 ? 157 HOH B O     1 
HETATM 509 O O     . HOH E 3 .  ? 12.767  7.152   3.770   1.00 40.33 ? 158 HOH B O     1 
HETATM 510 O O     . HOH E 3 .  ? 10.150  -1.053  -0.861  1.00 59.08 ? 159 HOH B O     1 
HETATM 511 O O     . HOH E 3 .  ? -7.896  2.823   5.140   1.00 44.58 ? 161 HOH B O     1 
HETATM 512 O O     . HOH E 3 .  ? 12.225  -3.296  -6.841  1.00 51.91 ? 162 HOH B O     1 
HETATM 513 O O     . HOH E 3 .  ? -5.660  8.877   7.126   1.00 45.31 ? 163 HOH B O     1 
HETATM 514 O O     . HOH E 3 .  ? 17.097  -1.944  1.283   1.00 57.50 ? 166 HOH B O     1 
HETATM 515 O O     . HOH E 3 .  ? 6.127   7.803   5.886   1.00 29.82 ? 168 HOH B O     1 
HETATM 516 O O     . HOH E 3 .  ? -8.966  -5.162  -13.636 1.00 41.98 ? 169 HOH B O     1 
HETATM 517 O O     . HOH E 3 .  ? -7.869  9.909   1.660   1.00 64.97 ? 170 HOH B O     1 
HETATM 518 O O     . HOH E 3 .  ? 17.386  3.601   -2.819  1.00 64.46 ? 171 HOH B O     1 
HETATM 519 O O     . HOH E 3 .  ? 20.964  -3.956  -4.201  1.00 60.45 ? 172 HOH B O     1 
# 
